data_4TKZ
#
_entry.id   4TKZ
#
_cell.length_a   52.293
_cell.length_b   53.800
_cell.length_c   94.887
_cell.angle_alpha   91.14
_cell.angle_beta   90.02
_cell.angle_gamma   60.97
#
_symmetry.space_group_name_H-M   'P 1'
#
loop_
_entity.id
_entity.type
_entity.pdbx_description
1 polymer 'Putative uncharacterized protein gbs1890'
2 non-polymer GLYCEROL
3 water water
#
_entity_poly.entity_id   1
_entity_poly.type   'polypeptide(L)'
_entity_poly.pdbx_seq_one_letter_code
;MIKIIIVAHGNFPDGILSSLELIAGHQEYVVGINFIAGMSSNDVRVALQREVIDFKEILVLTDLLGGTPFNVSSALSVEY
TDKKIKVLSGLNLSMLMEAVLSRTMFEHVDDLVDKVITSSHEGIVDFSTCLATQTAEATFEGGILEHHHHHH
;
_entity_poly.pdbx_strand_id   A,B,C,D,E,F
#
# COMPACT_ATOMS: atom_id res chain seq x y z
N MET A 1 19.69 9.50 26.88
CA MET A 1 19.38 8.10 27.11
C MET A 1 19.22 7.34 25.80
N ILE A 2 19.43 6.04 25.83
CA ILE A 2 19.06 5.18 24.71
C ILE A 2 17.87 4.35 25.14
N LYS A 3 16.72 4.54 24.50
CA LYS A 3 15.52 3.77 24.85
C LYS A 3 15.54 2.39 24.19
N ILE A 4 15.21 1.37 24.96
CA ILE A 4 15.18 -0.01 24.46
C ILE A 4 13.74 -0.48 24.29
N ILE A 5 13.40 -0.89 23.07
CA ILE A 5 12.05 -1.35 22.80
C ILE A 5 12.09 -2.78 22.30
N ILE A 6 11.34 -3.65 22.98
CA ILE A 6 11.27 -5.06 22.61
C ILE A 6 9.95 -5.35 21.93
N VAL A 7 10.01 -5.79 20.67
CA VAL A 7 8.82 -6.17 19.92
C VAL A 7 8.92 -7.62 19.50
N ALA A 8 7.97 -8.44 19.91
CA ALA A 8 8.02 -9.87 19.58
C ALA A 8 6.66 -10.54 19.63
N HIS A 9 6.57 -11.70 19.00
CA HIS A 9 5.35 -12.50 18.94
C HIS A 9 4.88 -12.99 20.30
N GLY A 10 3.57 -12.97 20.51
CA GLY A 10 2.99 -13.40 21.77
C GLY A 10 3.41 -12.52 22.92
N ASN A 11 3.55 -13.11 24.11
CA ASN A 11 4.02 -12.38 25.26
C ASN A 11 5.51 -12.63 25.56
N PHE A 12 6.26 -12.98 24.51
CA PHE A 12 7.73 -13.02 24.54
C PHE A 12 8.31 -11.73 25.15
N PRO A 13 7.84 -10.54 24.72
CA PRO A 13 8.44 -9.37 25.39
C PRO A 13 8.22 -9.36 26.90
N ASP A 14 7.02 -9.66 27.37
CA ASP A 14 6.78 -9.70 28.82
C ASP A 14 7.66 -10.73 29.49
N GLY A 15 7.84 -11.87 28.84
CA GLY A 15 8.61 -12.96 29.41
C GLY A 15 10.09 -12.62 29.53
N ILE A 16 10.67 -12.07 28.47
CA ILE A 16 12.10 -11.73 28.54
C ILE A 16 12.33 -10.53 29.46
N LEU A 17 11.34 -9.64 29.55
CA LEU A 17 11.40 -8.54 30.51
C LEU A 17 11.37 -9.03 31.95
N SER A 18 10.65 -10.13 32.19
CA SER A 18 10.65 -10.74 33.52
C SER A 18 12.01 -11.34 33.86
N SER A 19 12.77 -11.77 32.85
CA SER A 19 14.13 -12.27 33.07
C SER A 19 15.02 -11.12 33.54
N LEU A 20 14.92 -10.01 32.84
CA LEU A 20 15.64 -8.79 33.19
C LEU A 20 15.29 -8.28 34.60
N GLU A 21 14.01 -8.29 34.93
CA GLU A 21 13.54 -7.82 36.24
C GLU A 21 14.18 -8.67 37.34
N LEU A 22 14.20 -9.98 37.12
N LEU A 22 14.21 -9.97 37.12
CA LEU A 22 14.74 -10.92 38.11
CA LEU A 22 14.77 -10.88 38.12
C LEU A 22 16.26 -10.75 38.27
C LEU A 22 16.26 -10.68 38.28
N ILE A 23 16.95 -10.57 37.15
CA ILE A 23 18.41 -10.46 37.18
C ILE A 23 18.85 -9.07 37.64
N ALA A 24 18.31 -8.03 37.00
CA ALA A 24 18.82 -6.67 37.22
C ALA A 24 17.85 -5.71 37.92
N GLY A 25 16.59 -6.09 38.06
CA GLY A 25 15.61 -5.21 38.67
C GLY A 25 14.97 -4.35 37.60
N HIS A 26 14.12 -3.41 38.00
CA HIS A 26 13.42 -2.58 37.03
C HIS A 26 14.33 -1.55 36.37
N GLN A 27 14.19 -1.38 35.06
CA GLN A 27 15.07 -0.49 34.32
C GLN A 27 14.26 0.67 33.77
N GLU A 28 14.90 1.82 33.58
CA GLU A 28 14.24 2.97 32.92
C GLU A 28 14.31 2.83 31.41
N TYR A 29 13.32 3.38 30.71
CA TYR A 29 13.38 3.44 29.26
C TYR A 29 13.56 2.08 28.60
N VAL A 30 12.81 1.10 29.09
CA VAL A 30 12.80 -0.22 28.48
C VAL A 30 11.34 -0.65 28.42
N VAL A 31 10.80 -0.81 27.22
CA VAL A 31 9.40 -1.19 27.06
C VAL A 31 9.22 -2.41 26.17
N GLY A 32 8.12 -3.10 26.37
CA GLY A 32 7.79 -4.24 25.53
C GLY A 32 6.50 -3.99 24.78
N ILE A 33 6.48 -4.41 23.53
CA ILE A 33 5.25 -4.45 22.76
C ILE A 33 4.94 -5.91 22.43
N ASN A 34 3.91 -6.44 23.07
CA ASN A 34 3.52 -7.82 22.86
C ASN A 34 2.62 -7.99 21.63
N PHE A 35 3.15 -8.63 20.59
CA PHE A 35 2.40 -8.88 19.36
C PHE A 35 1.57 -10.15 19.55
N ILE A 36 0.40 -9.99 20.15
CA ILE A 36 -0.41 -11.14 20.53
C ILE A 36 -1.45 -11.48 19.48
N ALA A 37 -2.06 -12.65 19.61
CA ALA A 37 -3.11 -13.08 18.69
C ALA A 37 -4.23 -12.05 18.71
N GLY A 38 -4.66 -11.66 17.52
CA GLY A 38 -5.72 -10.68 17.36
C GLY A 38 -5.17 -9.35 16.88
N MET A 39 -3.89 -9.10 17.13
CA MET A 39 -3.28 -7.85 16.72
C MET A 39 -2.89 -7.84 15.25
N SER A 40 -3.12 -6.70 14.60
CA SER A 40 -2.72 -6.51 13.23
C SER A 40 -1.32 -5.91 13.19
N SER A 41 -0.74 -5.90 12.00
CA SER A 41 0.53 -5.24 11.77
C SER A 41 0.42 -3.74 12.09
N ASN A 42 -0.69 -3.11 11.68
CA ASN A 42 -0.86 -1.69 11.97
C ASN A 42 -0.89 -1.42 13.49
N ASP A 43 -1.44 -2.35 14.25
CA ASP A 43 -1.50 -2.21 15.71
C ASP A 43 -0.10 -2.10 16.29
N VAL A 44 0.81 -2.93 15.79
CA VAL A 44 2.23 -2.86 16.16
C VAL A 44 2.83 -1.53 15.75
N ARG A 45 2.50 -1.07 14.53
CA ARG A 45 3.03 0.20 14.05
C ARG A 45 2.59 1.35 14.93
N VAL A 46 1.32 1.34 15.33
CA VAL A 46 0.75 2.40 16.17
C VAL A 46 1.45 2.42 17.50
N ALA A 47 1.62 1.24 18.08
CA ALA A 47 2.29 1.12 19.37
C ALA A 47 3.72 1.64 19.30
N LEU A 48 4.45 1.23 18.26
CA LEU A 48 5.85 1.64 18.13
C LEU A 48 5.99 3.14 17.97
N GLN A 49 5.18 3.74 17.08
CA GLN A 49 5.17 5.18 16.90
C GLN A 49 5.01 5.89 18.23
N ARG A 50 4.05 5.44 19.02
CA ARG A 50 3.81 6.04 20.32
C ARG A 50 5.03 5.99 21.23
N GLU A 51 5.76 4.86 21.19
CA GLU A 51 6.92 4.71 22.06
C GLU A 51 8.11 5.58 21.65
N VAL A 52 8.17 5.99 20.38
CA VAL A 52 9.33 6.74 19.90
C VAL A 52 9.16 8.26 19.79
N ILE A 53 7.94 8.76 20.04
CA ILE A 53 7.64 10.20 19.87
C ILE A 53 8.74 11.11 20.42
N ASP A 54 9.11 10.86 21.67
CA ASP A 54 9.98 11.79 22.38
C ASP A 54 11.39 11.26 22.63
N PHE A 55 11.83 10.33 21.79
CA PHE A 55 13.18 9.78 21.92
C PHE A 55 13.98 9.90 20.62
N LYS A 56 15.28 10.14 20.76
CA LYS A 56 16.14 10.41 19.61
C LYS A 56 17.04 9.22 19.30
N GLU A 57 17.42 8.49 20.35
CA GLU A 57 18.30 7.32 20.23
C GLU A 57 17.53 6.10 20.72
N ILE A 58 17.23 5.18 19.81
CA ILE A 58 16.31 4.07 20.09
C ILE A 58 16.84 2.74 19.58
N LEU A 59 16.89 1.75 20.46
CA LEU A 59 17.29 0.42 20.04
C LEU A 59 16.07 -0.48 20.10
N VAL A 60 15.69 -1.04 18.96
CA VAL A 60 14.55 -1.94 18.89
C VAL A 60 15.00 -3.39 18.75
N LEU A 61 14.67 -4.20 19.75
CA LEU A 61 15.07 -5.59 19.73
C LEU A 61 13.88 -6.46 19.34
N THR A 62 14.00 -7.18 18.24
CA THR A 62 12.87 -7.97 17.76
C THR A 62 13.21 -9.42 17.66
N ASP A 63 12.19 -10.27 17.66
CA ASP A 63 12.45 -11.70 17.79
C ASP A 63 13.05 -12.35 16.57
N LEU A 64 12.46 -12.08 15.42
CA LEU A 64 12.62 -12.97 14.28
C LEU A 64 12.72 -12.19 12.99
N LEU A 65 13.81 -12.41 12.25
CA LEU A 65 14.01 -11.78 10.94
C LEU A 65 12.86 -12.07 9.99
N GLY A 66 12.28 -11.02 9.44
CA GLY A 66 11.23 -11.18 8.45
C GLY A 66 9.86 -11.33 9.05
N GLY A 67 9.78 -11.32 10.38
CA GLY A 67 8.49 -11.35 11.04
C GLY A 67 7.86 -9.96 11.16
N THR A 68 6.60 -9.90 11.57
CA THR A 68 5.89 -8.63 11.68
C THR A 68 6.58 -7.61 12.60
N PRO A 69 6.98 -8.02 13.83
CA PRO A 69 7.71 -7.07 14.66
C PRO A 69 8.94 -6.48 13.99
N PHE A 70 9.72 -7.30 13.30
CA PHE A 70 10.92 -6.81 12.66
C PHE A 70 10.53 -5.92 11.47
N ASN A 71 9.61 -6.42 10.66
CA ASN A 71 9.18 -5.68 9.46
C ASN A 71 8.59 -4.30 9.76
N VAL A 72 7.67 -4.25 10.71
CA VAL A 72 7.09 -2.98 11.16
C VAL A 72 8.16 -2.06 11.74
N SER A 73 9.06 -2.61 12.55
CA SER A 73 10.08 -1.79 13.18
C SER A 73 11.06 -1.22 12.15
N SER A 74 11.48 -2.06 11.20
CA SER A 74 12.41 -1.66 10.17
C SER A 74 11.84 -0.55 9.28
N ALA A 75 10.56 -0.70 8.92
CA ALA A 75 9.89 0.25 8.04
C ALA A 75 9.78 1.63 8.68
N LEU A 76 9.55 1.64 9.99
CA LEU A 76 9.38 2.88 10.71
C LEU A 76 10.72 3.54 10.98
N SER A 77 11.78 2.74 11.09
CA SER A 77 13.11 3.26 11.45
C SER A 77 13.69 4.22 10.42
N VAL A 78 13.14 4.25 9.22
CA VAL A 78 13.69 5.12 8.17
C VAL A 78 12.82 6.34 7.89
N GLU A 79 11.86 6.62 8.77
CA GLU A 79 10.85 7.64 8.48
C GLU A 79 11.07 8.93 9.26
N TYR A 80 11.93 8.88 10.26
CA TYR A 80 12.24 10.05 11.08
C TYR A 80 13.63 10.56 10.73
N THR A 81 13.70 11.81 10.30
CA THR A 81 14.95 12.45 9.89
C THR A 81 16.01 12.50 10.97
N ASP A 82 15.61 12.88 12.18
CA ASP A 82 16.58 13.12 13.23
C ASP A 82 16.59 12.10 14.36
N LYS A 83 15.77 11.06 14.25
CA LYS A 83 15.84 9.96 15.19
C LYS A 83 16.85 8.95 14.71
N LYS A 84 17.58 8.36 15.66
CA LYS A 84 18.45 7.23 15.34
C LYS A 84 17.79 5.96 15.88
N ILE A 85 17.26 5.15 14.97
CA ILE A 85 16.56 3.92 15.37
C ILE A 85 17.27 2.72 14.79
N LYS A 86 17.85 1.89 15.66
CA LYS A 86 18.46 0.64 15.24
C LYS A 86 17.48 -0.51 15.48
N VAL A 87 17.39 -1.41 14.50
CA VAL A 87 16.47 -2.54 14.59
C VAL A 87 17.24 -3.85 14.45
N LEU A 88 17.24 -4.65 15.52
CA LEU A 88 17.89 -5.96 15.47
C LEU A 88 16.86 -7.09 15.48
N SER A 89 17.16 -8.19 14.80
CA SER A 89 16.45 -9.45 14.98
C SER A 89 17.34 -10.39 15.81
N GLY A 90 16.80 -11.54 16.21
CA GLY A 90 17.57 -12.58 16.88
C GLY A 90 17.64 -12.42 18.38
N LEU A 91 16.68 -11.67 18.94
CA LEU A 91 16.70 -11.30 20.36
C LEU A 91 16.91 -12.49 21.29
N ASN A 92 17.99 -12.43 22.07
CA ASN A 92 18.21 -13.38 23.17
C ASN A 92 18.50 -12.61 24.46
N LEU A 93 18.65 -13.29 25.60
CA LEU A 93 18.83 -12.52 26.82
C LEU A 93 20.17 -11.79 26.82
N SER A 94 21.17 -12.36 26.12
CA SER A 94 22.47 -11.71 26.00
C SER A 94 22.34 -10.35 25.31
N MET A 95 21.55 -10.31 24.25
CA MET A 95 21.31 -9.07 23.51
C MET A 95 20.71 -8.03 24.45
N LEU A 96 19.71 -8.44 25.21
CA LEU A 96 19.02 -7.52 26.13
C LEU A 96 19.91 -7.05 27.27
N MET A 97 20.62 -7.98 27.90
CA MET A 97 21.45 -7.60 29.03
C MET A 97 22.57 -6.64 28.58
N GLU A 98 23.15 -6.90 27.41
CA GLU A 98 24.22 -6.04 26.92
C GLU A 98 23.73 -4.62 26.67
N ALA A 99 22.57 -4.50 26.04
CA ALA A 99 22.02 -3.18 25.74
C ALA A 99 21.80 -2.42 27.04
N VAL A 100 21.20 -3.09 28.01
CA VAL A 100 20.89 -2.47 29.31
C VAL A 100 22.17 -2.09 30.06
N LEU A 101 23.11 -3.01 30.15
CA LEU A 101 24.30 -2.76 30.94
C LEU A 101 25.33 -1.84 30.28
N SER A 102 25.25 -1.67 28.96
CA SER A 102 26.26 -0.89 28.26
C SER A 102 25.78 0.44 27.68
N ARG A 103 24.47 0.63 27.59
CA ARG A 103 23.95 1.84 26.92
C ARG A 103 24.42 3.13 27.58
N THR A 104 24.65 3.05 28.88
CA THR A 104 25.16 4.15 29.70
C THR A 104 26.50 4.68 29.18
N MET A 105 27.28 3.80 28.53
CA MET A 105 28.58 4.17 28.00
C MET A 105 28.50 5.02 26.75
N PHE A 106 27.32 5.09 26.14
CA PHE A 106 27.21 5.68 24.81
C PHE A 106 26.15 6.76 24.69
N GLU A 107 26.51 7.84 24.01
CA GLU A 107 25.54 8.87 23.65
C GLU A 107 24.60 8.34 22.56
N HIS A 108 25.18 7.65 21.58
CA HIS A 108 24.44 7.23 20.39
C HIS A 108 24.28 5.73 20.27
N VAL A 109 23.08 5.30 19.90
CA VAL A 109 22.79 3.88 19.70
C VAL A 109 23.70 3.24 18.63
N ASP A 110 24.18 4.03 17.67
CA ASP A 110 25.09 3.53 16.65
C ASP A 110 26.35 2.90 17.28
N ASP A 111 26.83 3.50 18.35
CA ASP A 111 28.08 3.06 18.98
C ASP A 111 27.83 1.94 19.98
N LEU A 112 26.56 1.64 20.22
CA LEU A 112 26.18 0.58 21.15
C LEU A 112 25.85 -0.73 20.44
N VAL A 113 25.32 -0.65 19.22
CA VAL A 113 24.83 -1.86 18.52
C VAL A 113 25.89 -2.92 18.24
N ASP A 114 27.12 -2.50 17.95
CA ASP A 114 28.18 -3.44 17.62
C ASP A 114 28.54 -4.33 18.81
N LYS A 115 28.52 -3.76 20.00
CA LYS A 115 28.78 -4.51 21.22
C LYS A 115 27.61 -5.46 21.51
N VAL A 116 26.40 -4.99 21.22
CA VAL A 116 25.19 -5.77 21.49
C VAL A 116 25.14 -7.00 20.59
N ILE A 117 25.48 -6.80 19.32
CA ILE A 117 25.52 -7.89 18.34
C ILE A 117 26.56 -8.93 18.72
N THR A 118 27.74 -8.44 19.06
CA THR A 118 28.83 -9.31 19.46
C THR A 118 28.41 -10.20 20.64
N SER A 119 27.85 -9.58 21.67
CA SER A 119 27.44 -10.32 22.86
C SER A 119 26.34 -11.33 22.53
N SER A 120 25.44 -10.95 21.62
CA SER A 120 24.33 -11.82 21.23
C SER A 120 24.87 -13.12 20.65
N HIS A 121 25.87 -12.99 19.79
CA HIS A 121 26.50 -14.15 19.16
C HIS A 121 27.33 -14.94 20.17
N GLU A 122 28.08 -14.23 21.01
CA GLU A 122 28.94 -14.89 21.98
C GLU A 122 28.14 -15.66 23.02
N GLY A 123 26.87 -15.31 23.16
CA GLY A 123 26.01 -15.95 24.15
C GLY A 123 25.43 -17.29 23.72
N ILE A 124 25.59 -17.60 22.43
CA ILE A 124 25.10 -18.88 21.88
C ILE A 124 26.22 -19.90 22.00
N VAL A 125 26.05 -20.83 22.93
CA VAL A 125 27.10 -21.77 23.29
C VAL A 125 26.53 -23.18 23.40
N ASP A 126 27.25 -24.16 22.86
CA ASP A 126 26.89 -25.57 23.05
C ASP A 126 27.78 -26.10 24.17
N PHE A 127 27.18 -26.57 25.26
CA PHE A 127 27.95 -26.98 26.45
C PHE A 127 28.98 -28.06 26.14
N SER A 128 28.71 -28.88 25.11
CA SER A 128 29.65 -29.92 24.70
C SER A 128 31.04 -29.38 24.38
N THR A 129 31.10 -28.13 23.93
CA THR A 129 32.38 -27.50 23.62
C THR A 129 32.87 -26.71 24.84
N CYS A 130 32.11 -26.82 25.93
CA CYS A 130 32.20 -25.98 27.15
C CYS A 130 31.36 -24.71 27.03
N MET B 1 12.41 -38.76 17.81
CA MET B 1 11.65 -38.01 18.80
C MET B 1 12.61 -37.30 19.75
N ILE B 2 12.84 -36.01 19.50
CA ILE B 2 13.72 -35.22 20.35
C ILE B 2 12.87 -34.30 21.22
N LYS B 3 12.98 -34.42 22.53
CA LYS B 3 12.21 -33.57 23.43
C LYS B 3 12.90 -32.23 23.59
N ILE B 4 12.14 -31.14 23.48
CA ILE B 4 12.72 -29.82 23.64
C ILE B 4 12.33 -29.26 24.99
N ILE B 5 13.33 -28.88 25.78
CA ILE B 5 13.05 -28.35 27.11
C ILE B 5 13.66 -26.97 27.23
N ILE B 6 12.83 -25.98 27.52
CA ILE B 6 13.30 -24.62 27.66
C ILE B 6 13.42 -24.26 29.13
N VAL B 7 14.62 -23.85 29.57
CA VAL B 7 14.80 -23.41 30.95
C VAL B 7 15.38 -21.99 30.96
N ALA B 8 14.72 -21.04 31.62
CA ALA B 8 15.19 -19.65 31.64
C ALA B 8 14.64 -18.86 32.82
N HIS B 9 15.28 -17.73 33.14
CA HIS B 9 14.87 -16.86 34.22
C HIS B 9 13.47 -16.28 34.01
N GLY B 10 12.74 -16.13 35.09
CA GLY B 10 11.42 -15.53 35.04
C GLY B 10 10.46 -16.39 34.25
N ASN B 11 9.51 -15.76 33.56
CA ASN B 11 8.58 -16.48 32.70
C ASN B 11 8.93 -16.37 31.22
N PHE B 12 10.21 -16.11 30.95
CA PHE B 12 10.77 -16.18 29.59
C PHE B 12 10.36 -17.50 28.90
N PRO B 13 10.45 -18.66 29.58
CA PRO B 13 9.99 -19.86 28.87
C PRO B 13 8.53 -19.78 28.45
N ASP B 14 7.62 -19.44 29.36
CA ASP B 14 6.23 -19.25 28.95
C ASP B 14 6.09 -18.27 27.79
N GLY B 15 6.89 -17.20 27.83
CA GLY B 15 6.78 -16.16 26.82
C GLY B 15 7.20 -16.61 25.43
N ILE B 16 8.38 -17.21 25.32
CA ILE B 16 8.88 -17.65 24.02
C ILE B 16 8.03 -18.81 23.51
N LEU B 17 7.51 -19.62 24.43
CA LEU B 17 6.56 -20.67 24.05
C LEU B 17 5.28 -20.09 23.44
N SER B 18 4.87 -18.91 23.91
CA SER B 18 3.67 -18.28 23.36
C SER B 18 3.95 -17.77 21.96
N SER B 19 5.21 -17.42 21.67
CA SER B 19 5.60 -17.05 20.31
C SER B 19 5.45 -18.24 19.38
N LEU B 20 5.98 -19.38 19.81
CA LEU B 20 5.89 -20.64 19.07
C LEU B 20 4.43 -21.05 18.81
N GLU B 21 3.60 -20.91 19.83
CA GLU B 21 2.18 -21.25 19.72
C GLU B 21 1.47 -20.36 18.70
N LEU B 22 1.79 -19.08 18.68
CA LEU B 22 1.18 -18.14 17.75
C LEU B 22 1.61 -18.43 16.32
N ILE B 23 2.87 -18.80 16.17
CA ILE B 23 3.42 -19.01 14.85
C ILE B 23 3.07 -20.40 14.34
N ALA B 24 3.31 -21.43 15.13
CA ALA B 24 3.22 -22.80 14.62
C ALA B 24 2.10 -23.63 15.25
N GLY B 25 1.48 -23.11 16.30
CA GLY B 25 0.48 -23.88 17.02
C GLY B 25 1.14 -24.76 18.06
N HIS B 26 0.34 -25.57 18.74
CA HIS B 26 0.86 -26.39 19.85
C HIS B 26 1.75 -27.52 19.35
N GLN B 27 2.87 -27.75 20.04
CA GLN B 27 3.82 -28.78 19.64
C GLN B 27 3.86 -29.92 20.64
N GLU B 28 4.24 -31.10 20.16
CA GLU B 28 4.44 -32.24 21.04
C GLU B 28 5.85 -32.22 21.62
N TYR B 29 5.99 -32.70 22.85
CA TYR B 29 7.30 -32.87 23.46
C TYR B 29 8.10 -31.58 23.50
N VAL B 30 7.45 -30.50 23.90
CA VAL B 30 8.12 -29.23 24.12
C VAL B 30 7.62 -28.66 25.43
N VAL B 31 8.51 -28.48 26.39
CA VAL B 31 8.11 -27.95 27.69
C VAL B 31 8.99 -26.80 28.15
N GLY B 32 8.44 -25.96 29.02
CA GLY B 32 9.18 -24.86 29.61
C GLY B 32 9.30 -25.04 31.12
N ILE B 33 10.46 -24.69 31.65
CA ILE B 33 10.66 -24.64 33.08
C ILE B 33 10.99 -23.20 33.44
N ASN B 34 10.03 -22.51 34.03
CA ASN B 34 10.18 -21.12 34.42
C ASN B 34 10.95 -20.94 35.72
N PHE B 35 12.14 -20.37 35.63
CA PHE B 35 12.98 -20.18 36.81
C PHE B 35 12.63 -18.83 37.43
N ILE B 36 11.57 -18.84 38.23
CA ILE B 36 10.96 -17.62 38.71
C ILE B 36 11.52 -17.22 40.06
N ALA B 37 11.18 -16.02 40.51
CA ALA B 37 11.57 -15.56 41.84
C ALA B 37 11.09 -16.53 42.92
N GLY B 38 11.97 -16.87 43.85
CA GLY B 38 11.61 -17.77 44.93
C GLY B 38 12.20 -19.16 44.77
N MET B 39 12.36 -19.64 43.54
CA MET B 39 12.91 -20.96 43.37
C MET B 39 14.45 -21.04 43.37
N SER B 40 14.95 -22.15 43.89
CA SER B 40 16.37 -22.38 44.06
C SER B 40 16.93 -23.18 42.90
N SER B 41 18.25 -23.29 42.84
CA SER B 41 18.91 -24.17 41.88
C SER B 41 18.33 -25.58 41.95
N ASN B 42 18.19 -26.12 43.16
CA ASN B 42 17.67 -27.47 43.30
C ASN B 42 16.26 -27.64 42.72
N ASP B 43 15.41 -26.62 42.87
CA ASP B 43 14.06 -26.66 42.30
C ASP B 43 14.14 -26.89 40.79
N VAL B 44 15.05 -26.17 40.14
CA VAL B 44 15.24 -26.32 38.70
C VAL B 44 15.74 -27.73 38.40
N ARG B 45 16.64 -28.23 39.25
CA ARG B 45 17.22 -29.55 39.05
C ARG B 45 16.15 -30.63 39.12
N VAL B 46 15.29 -30.54 40.12
CA VAL B 46 14.19 -31.49 40.30
C VAL B 46 13.24 -31.46 39.11
N ALA B 47 12.90 -30.26 38.69
CA ALA B 47 12.00 -30.08 37.56
C ALA B 47 12.58 -30.70 36.30
N LEU B 48 13.87 -30.46 36.05
CA LEU B 48 14.51 -30.98 34.84
C LEU B 48 14.62 -32.50 34.88
N GLN B 49 15.00 -33.07 36.03
CA GLN B 49 15.10 -34.52 36.15
C GLN B 49 13.77 -35.15 35.78
N ARG B 50 12.70 -34.52 36.26
CA ARG B 50 11.35 -35.00 36.01
C ARG B 50 11.05 -35.07 34.52
N GLU B 51 11.45 -34.03 33.80
CA GLU B 51 11.15 -33.93 32.39
C GLU B 51 11.95 -34.88 31.52
N VAL B 52 13.03 -35.45 32.05
CA VAL B 52 13.88 -36.31 31.22
C VAL B 52 13.77 -37.81 31.50
N ILE B 53 13.02 -38.18 32.55
CA ILE B 53 12.91 -39.58 32.98
C ILE B 53 12.75 -40.53 31.80
N ASP B 54 11.84 -40.19 30.90
CA ASP B 54 11.43 -41.13 29.86
C ASP B 54 11.90 -40.81 28.45
N PHE B 55 12.97 -40.02 28.33
CA PHE B 55 13.47 -39.64 27.02
C PHE B 55 14.96 -39.91 26.84
N LYS B 56 15.36 -40.26 25.62
CA LYS B 56 16.76 -40.59 25.33
C LYS B 56 17.46 -39.47 24.59
N GLU B 57 16.69 -38.73 23.77
CA GLU B 57 17.24 -37.66 22.96
C GLU B 57 16.58 -36.35 23.37
N ILE B 58 17.38 -35.45 23.95
CA ILE B 58 16.83 -34.25 24.58
C ILE B 58 17.64 -33.02 24.25
N LEU B 59 16.97 -31.96 23.80
CA LEU B 59 17.62 -30.69 23.56
C LEU B 59 17.15 -29.69 24.59
N VAL B 60 18.08 -29.18 25.40
CA VAL B 60 17.73 -28.20 26.41
C VAL B 60 18.20 -26.84 25.96
N LEU B 61 17.24 -25.93 25.77
CA LEU B 61 17.54 -24.57 25.35
C LEU B 61 17.44 -23.65 26.56
N THR B 62 18.53 -22.96 26.87
CA THR B 62 18.58 -22.09 28.05
C THR B 62 18.94 -20.66 27.68
N ASP B 63 18.62 -19.72 28.56
CA ASP B 63 18.75 -18.32 28.20
C ASP B 63 20.17 -17.78 28.12
N LEU B 64 20.95 -18.06 29.16
CA LEU B 64 22.14 -17.27 29.38
C LEU B 64 23.27 -18.15 29.88
N LEU B 65 24.41 -18.06 29.20
CA LEU B 65 25.61 -18.79 29.59
C LEU B 65 25.98 -18.48 31.03
N GLY B 66 26.23 -19.52 31.82
CA GLY B 66 26.65 -19.33 33.20
C GLY B 66 25.55 -19.05 34.19
N GLY B 67 24.32 -18.91 33.70
CA GLY B 67 23.18 -18.73 34.59
C GLY B 67 22.70 -20.05 35.18
N THR B 68 21.85 -19.98 36.20
CA THR B 68 21.38 -21.19 36.88
C THR B 68 20.70 -22.23 35.95
N PRO B 69 19.82 -21.78 35.03
CA PRO B 69 19.26 -22.75 34.08
C PRO B 69 20.33 -23.50 33.29
N PHE B 70 21.35 -22.79 32.81
CA PHE B 70 22.36 -23.41 31.97
C PHE B 70 23.23 -24.30 32.86
N ASN B 71 23.57 -23.81 34.04
CA ASN B 71 24.43 -24.57 34.97
C ASN B 71 23.80 -25.88 35.44
N VAL B 72 22.55 -25.79 35.91
CA VAL B 72 21.80 -26.97 36.31
C VAL B 72 21.60 -27.96 35.15
N SER B 73 21.29 -27.44 33.96
CA SER B 73 21.06 -28.30 32.81
C SER B 73 22.33 -29.04 32.38
N SER B 74 23.43 -28.31 32.35
N SER B 74 23.45 -28.33 32.35
CA SER B 74 24.71 -28.87 31.94
CA SER B 74 24.70 -28.93 31.91
C SER B 74 25.19 -29.93 32.92
C SER B 74 25.23 -29.94 32.93
N ALA B 75 25.01 -29.68 34.20
CA ALA B 75 25.46 -30.60 35.25
C ALA B 75 24.71 -31.92 35.16
N LEU B 76 23.42 -31.83 34.86
CA LEU B 76 22.58 -33.02 34.75
C LEU B 76 22.84 -33.77 33.45
N SER B 77 23.26 -33.04 32.41
CA SER B 77 23.41 -33.65 31.08
C SER B 77 24.51 -34.72 31.01
N VAL B 78 25.40 -34.74 31.99
CA VAL B 78 26.50 -35.72 31.97
C VAL B 78 26.26 -36.88 32.93
N GLU B 79 25.05 -36.97 33.48
CA GLU B 79 24.80 -37.92 34.57
C GLU B 79 24.08 -39.17 34.13
N TYR B 80 23.51 -39.15 32.93
CA TYR B 80 22.75 -40.29 32.44
C TYR B 80 23.52 -41.02 31.35
N THR B 81 23.99 -42.21 31.69
CA THR B 81 24.79 -43.05 30.79
C THR B 81 24.26 -43.17 29.36
N ASP B 82 22.97 -43.40 29.20
CA ASP B 82 22.44 -43.68 27.87
C ASP B 82 21.52 -42.61 27.31
N LYS B 83 21.39 -41.48 28.00
CA LYS B 83 20.64 -40.37 27.46
C LYS B 83 21.54 -39.46 26.65
N LYS B 84 20.99 -38.87 25.59
CA LYS B 84 21.72 -37.85 24.85
C LYS B 84 21.09 -36.51 25.17
N ILE B 85 21.78 -35.70 25.96
CA ILE B 85 21.26 -34.41 26.40
C ILE B 85 22.19 -33.31 25.94
N LYS B 86 21.71 -32.51 25.00
CA LYS B 86 22.44 -31.34 24.54
C LYS B 86 21.91 -30.10 25.26
N VAL B 87 22.82 -29.20 25.63
CA VAL B 87 22.45 -27.99 26.36
C VAL B 87 23.02 -26.78 25.67
N LEU B 88 22.15 -25.90 25.17
CA LEU B 88 22.56 -24.64 24.54
C LEU B 88 22.23 -23.43 25.40
N SER B 89 23.09 -22.41 25.36
CA SER B 89 22.73 -21.08 25.88
C SER B 89 22.46 -20.19 24.67
N GLY B 90 21.93 -19.00 24.91
CA GLY B 90 21.71 -18.02 23.86
C GLY B 90 20.37 -18.07 23.16
N LEU B 91 19.39 -18.68 23.83
CA LEU B 91 18.09 -18.96 23.25
C LEU B 91 17.43 -17.74 22.61
N ASN B 92 17.19 -17.82 21.30
CA ASN B 92 16.34 -16.85 20.59
C ASN B 92 15.24 -17.60 19.86
N LEU B 93 14.30 -16.90 19.24
CA LEU B 93 13.18 -17.61 18.62
C LEU B 93 13.67 -18.45 17.42
N SER B 94 14.74 -18.01 16.77
CA SER B 94 15.35 -18.78 15.68
C SER B 94 15.79 -20.15 16.18
N MET B 95 16.46 -20.15 17.33
CA MET B 95 16.93 -21.41 17.94
C MET B 95 15.75 -22.34 18.15
N LEU B 96 14.69 -21.82 18.75
CA LEU B 96 13.49 -22.61 19.04
C LEU B 96 12.77 -23.11 17.78
N MET B 97 12.52 -22.21 16.82
CA MET B 97 11.82 -22.61 15.60
C MET B 97 12.61 -23.68 14.85
N GLU B 98 13.92 -23.49 14.73
CA GLU B 98 14.74 -24.45 13.99
C GLU B 98 14.68 -25.83 14.63
N ALA B 99 14.77 -25.88 15.96
CA ALA B 99 14.69 -27.16 16.66
C ALA B 99 13.34 -27.83 16.39
N VAL B 100 12.26 -27.06 16.49
CA VAL B 100 10.92 -27.60 16.28
C VAL B 100 10.73 -28.08 14.84
N LEU B 101 11.11 -27.25 13.88
CA LEU B 101 10.83 -27.52 12.47
C LEU B 101 11.75 -28.56 11.83
N SER B 102 12.91 -28.81 12.43
CA SER B 102 13.89 -29.73 11.85
C SER B 102 14.08 -31.05 12.60
N ARG B 103 13.56 -31.16 13.82
CA ARG B 103 13.88 -32.32 14.66
C ARG B 103 13.42 -33.66 14.08
N THR B 104 12.33 -33.64 13.33
CA THR B 104 11.80 -34.87 12.74
C THR B 104 12.70 -35.40 11.62
N MET B 105 13.63 -34.55 11.17
CA MET B 105 14.61 -34.96 10.16
C MET B 105 15.69 -35.81 10.79
N PHE B 106 15.73 -35.82 12.12
CA PHE B 106 16.81 -36.47 12.85
C PHE B 106 16.31 -37.43 13.92
N GLU B 107 16.90 -38.62 13.97
CA GLU B 107 16.62 -39.54 15.06
C GLU B 107 17.34 -39.05 16.31
N HIS B 108 18.57 -38.56 16.12
CA HIS B 108 19.45 -38.19 17.22
C HIS B 108 19.66 -36.67 17.36
N VAL B 109 19.63 -36.18 18.60
CA VAL B 109 19.78 -34.75 18.87
C VAL B 109 21.18 -34.25 18.46
N ASP B 110 22.17 -35.13 18.52
CA ASP B 110 23.53 -34.80 18.09
C ASP B 110 23.59 -34.27 16.65
N ASP B 111 22.70 -34.75 15.80
CA ASP B 111 22.71 -34.36 14.39
C ASP B 111 21.81 -33.15 14.13
N LEU B 112 21.06 -32.76 15.14
CA LEU B 112 20.16 -31.60 15.02
C LEU B 112 20.80 -30.31 15.54
N VAL B 113 21.67 -30.44 16.53
N VAL B 113 21.69 -30.45 16.52
CA VAL B 113 22.25 -29.26 17.20
CA VAL B 113 22.27 -29.32 17.22
C VAL B 113 23.05 -28.34 16.29
C VAL B 113 23.06 -28.36 16.30
N ASP B 114 23.78 -28.91 15.34
CA ASP B 114 24.60 -28.10 14.44
C ASP B 114 23.76 -27.13 13.61
N LYS B 115 22.60 -27.59 13.16
CA LYS B 115 21.72 -26.75 12.35
C LYS B 115 21.00 -25.70 13.20
N VAL B 116 20.70 -26.08 14.44
CA VAL B 116 20.02 -25.18 15.39
C VAL B 116 20.94 -24.03 15.77
N ILE B 117 22.23 -24.34 15.96
CA ILE B 117 23.21 -23.31 16.30
C ILE B 117 23.39 -22.35 15.13
N THR B 118 23.54 -22.92 13.94
CA THR B 118 23.71 -22.11 12.73
C THR B 118 22.54 -21.13 12.55
N SER B 119 21.31 -21.58 12.75
CA SER B 119 20.16 -20.70 12.55
C SER B 119 20.07 -19.64 13.65
N SER B 120 20.51 -19.98 14.85
CA SER B 120 20.48 -19.06 15.97
C SER B 120 21.36 -17.85 15.67
N HIS B 121 22.52 -18.12 15.10
CA HIS B 121 23.47 -17.07 14.74
C HIS B 121 22.97 -16.29 13.53
N GLU B 122 22.46 -17.02 12.56
CA GLU B 122 22.00 -16.42 11.32
C GLU B 122 20.78 -15.52 11.55
N GLY B 123 20.09 -15.72 12.67
CA GLY B 123 18.90 -14.96 12.97
C GLY B 123 19.15 -13.62 13.66
N ILE B 124 20.41 -13.38 14.00
CA ILE B 124 20.84 -12.11 14.58
C ILE B 124 21.28 -11.20 13.44
N VAL B 125 20.47 -10.19 13.16
CA VAL B 125 20.67 -9.34 12.00
C VAL B 125 20.41 -7.89 12.38
N ASP B 126 21.27 -6.99 11.92
CA ASP B 126 21.06 -5.55 12.05
C ASP B 126 20.44 -5.06 10.75
N PHE B 127 19.27 -4.44 10.83
CA PHE B 127 18.54 -4.03 9.62
C PHE B 127 19.36 -3.08 8.73
N SER B 128 20.26 -2.32 9.34
CA SER B 128 21.17 -1.44 8.59
C SER B 128 21.95 -2.21 7.53
N THR B 129 22.11 -3.50 7.77
CA THR B 129 23.08 -4.33 7.05
C THR B 129 22.72 -4.67 5.58
N CYS B 130 21.56 -4.19 5.12
CA CYS B 130 21.36 -3.94 3.70
C CYS B 130 20.82 -2.52 3.48
N MET C 1 -21.09 29.14 -20.91
CA MET C 1 -19.66 28.89 -20.75
C MET C 1 -18.87 30.03 -21.39
N ILE C 2 -17.75 30.39 -20.77
CA ILE C 2 -16.89 31.44 -21.29
C ILE C 2 -15.73 30.81 -22.05
N LYS C 3 -15.67 31.05 -23.35
CA LYS C 3 -14.61 30.50 -24.19
C LYS C 3 -13.38 31.38 -24.08
N ILE C 4 -12.23 30.75 -23.89
CA ILE C 4 -10.95 31.43 -23.86
C ILE C 4 -10.23 31.19 -25.18
N ILE C 5 -9.77 32.26 -25.80
CA ILE C 5 -9.07 32.16 -27.07
C ILE C 5 -7.75 32.88 -26.92
N ILE C 6 -6.65 32.18 -27.23
CA ILE C 6 -5.33 32.77 -27.14
C ILE C 6 -4.78 33.08 -28.53
N VAL C 7 -4.41 34.33 -28.76
CA VAL C 7 -3.90 34.74 -30.08
C VAL C 7 -2.57 35.44 -29.87
N ALA C 8 -1.52 34.92 -30.49
CA ALA C 8 -0.17 35.40 -30.21
C ALA C 8 0.78 35.08 -31.34
N HIS C 9 1.90 35.81 -31.38
CA HIS C 9 2.94 35.59 -32.36
C HIS C 9 3.60 34.24 -32.29
N GLY C 10 3.89 33.68 -33.47
CA GLY C 10 4.57 32.40 -33.58
C GLY C 10 3.73 31.30 -32.95
N ASN C 11 4.39 30.40 -32.23
CA ASN C 11 3.66 29.32 -31.59
C ASN C 11 3.57 29.51 -30.08
N PHE C 12 3.67 30.77 -29.64
CA PHE C 12 3.39 31.15 -28.25
C PHE C 12 2.08 30.51 -27.75
N PRO C 13 0.99 30.58 -28.53
CA PRO C 13 -0.24 29.96 -28.01
C PRO C 13 -0.10 28.47 -27.73
N ASP C 14 0.47 27.70 -28.64
CA ASP C 14 0.68 26.27 -28.41
C ASP C 14 1.53 26.06 -27.18
N GLY C 15 2.54 26.91 -27.02
CA GLY C 15 3.47 26.81 -25.92
C GLY C 15 2.84 27.10 -24.57
N ILE C 16 2.07 28.19 -24.48
CA ILE C 16 1.46 28.50 -23.18
C ILE C 16 0.35 27.49 -22.88
N LEU C 17 -0.27 26.96 -23.94
CA LEU C 17 -1.26 25.89 -23.75
C LEU C 17 -0.64 24.61 -23.22
N SER C 18 0.62 24.35 -23.57
CA SER C 18 1.27 23.16 -23.05
C SER C 18 1.58 23.32 -21.57
N SER C 19 1.84 24.54 -21.12
CA SER C 19 2.04 24.81 -19.70
C SER C 19 0.75 24.53 -18.95
N LEU C 20 -0.34 25.04 -19.51
CA LEU C 20 -1.66 24.88 -18.91
C LEU C 20 -1.98 23.40 -18.77
N GLU C 21 -1.72 22.65 -19.83
CA GLU C 21 -2.01 21.22 -19.86
C GLU C 21 -1.21 20.51 -18.78
N LEU C 22 0.06 20.88 -18.63
CA LEU C 22 0.93 20.19 -17.68
C LEU C 22 0.50 20.49 -16.24
N ILE C 23 0.06 21.72 -16.01
CA ILE C 23 -0.33 22.16 -14.67
C ILE C 23 -1.76 21.74 -14.28
N ALA C 24 -2.69 21.87 -15.23
CA ALA C 24 -4.11 21.74 -14.93
C ALA C 24 -4.87 20.68 -15.74
N GLY C 25 -4.19 20.06 -16.70
CA GLY C 25 -4.84 19.07 -17.55
C GLY C 25 -5.54 19.73 -18.71
N HIS C 26 -6.09 18.95 -19.64
CA HIS C 26 -6.76 19.52 -20.79
C HIS C 26 -8.03 20.26 -20.38
N GLN C 27 -8.23 21.45 -20.93
CA GLN C 27 -9.41 22.25 -20.62
C GLN C 27 -10.34 22.32 -21.82
N GLU C 28 -11.65 22.32 -21.56
CA GLU C 28 -12.61 22.54 -22.64
C GLU C 28 -12.76 24.03 -22.96
N TYR C 29 -13.13 24.32 -24.21
CA TYR C 29 -13.39 25.68 -24.65
C TYR C 29 -12.21 26.64 -24.45
N VAL C 30 -11.03 26.17 -24.80
CA VAL C 30 -9.81 26.96 -24.75
C VAL C 30 -9.05 26.62 -26.02
N VAL C 31 -8.86 27.60 -26.89
CA VAL C 31 -8.23 27.36 -28.17
C VAL C 31 -7.10 28.35 -28.42
N GLY C 32 -6.10 27.93 -29.20
CA GLY C 32 -5.03 28.84 -29.57
C GLY C 32 -5.07 29.19 -31.05
N ILE C 33 -4.77 30.44 -31.36
CA ILE C 33 -4.54 30.84 -32.73
C ILE C 33 -3.09 31.31 -32.85
N ASN C 34 -2.27 30.46 -33.46
CA ASN C 34 -0.85 30.73 -33.61
C ASN C 34 -0.62 31.61 -34.82
N PHE C 35 -0.15 32.84 -34.59
CA PHE C 35 0.10 33.80 -35.66
C PHE C 35 1.54 33.61 -36.16
N ILE C 36 1.72 32.60 -37.01
CA ILE C 36 3.03 32.20 -37.50
C ILE C 36 3.44 32.92 -38.77
N ALA C 37 4.72 32.80 -39.12
CA ALA C 37 5.24 33.44 -40.34
C ALA C 37 4.42 33.02 -41.55
N GLY C 38 4.16 33.97 -42.44
CA GLY C 38 3.38 33.71 -43.64
C GLY C 38 1.91 34.06 -43.49
N MET C 39 1.42 34.10 -42.26
CA MET C 39 0.02 34.43 -42.03
C MET C 39 -0.23 35.92 -42.18
N SER C 40 -1.40 36.27 -42.70
CA SER C 40 -1.78 37.66 -42.83
C SER C 40 -2.68 38.06 -41.67
N SER C 41 -2.80 39.36 -41.46
CA SER C 41 -3.79 39.92 -40.56
C SER C 41 -5.20 39.38 -40.87
N ASN C 42 -5.54 39.29 -42.17
CA ASN C 42 -6.83 38.73 -42.52
C ASN C 42 -7.00 37.26 -42.12
N ASP C 43 -5.91 36.49 -42.20
CA ASP C 43 -5.94 35.09 -41.77
C ASP C 43 -6.33 34.99 -40.30
N VAL C 44 -5.76 35.87 -39.48
CA VAL C 44 -6.09 35.89 -38.04
C VAL C 44 -7.55 36.27 -37.83
N ARG C 45 -8.05 37.20 -38.64
CA ARG C 45 -9.43 37.61 -38.51
C ARG C 45 -10.38 36.46 -38.84
N VAL C 46 -10.10 35.77 -39.94
CA VAL C 46 -10.89 34.62 -40.38
C VAL C 46 -10.93 33.54 -39.31
N ALA C 47 -9.75 33.25 -38.77
CA ALA C 47 -9.63 32.26 -37.70
C ALA C 47 -10.46 32.65 -36.48
N LEU C 48 -10.33 33.91 -36.06
CA LEU C 48 -11.05 34.35 -34.87
C LEU C 48 -12.58 34.37 -35.06
N GLN C 49 -13.04 34.85 -36.21
CA GLN C 49 -14.47 34.81 -36.51
C GLN C 49 -14.99 33.39 -36.39
N ARG C 50 -14.23 32.44 -36.93
N ARG C 50 -14.22 32.44 -36.93
CA ARG C 50 -14.63 31.04 -36.93
CA ARG C 50 -14.59 31.03 -36.93
C ARG C 50 -14.76 30.50 -35.49
C ARG C 50 -14.75 30.51 -35.50
N GLU C 51 -13.81 30.87 -34.63
CA GLU C 51 -13.82 30.39 -33.25
C GLU C 51 -14.96 30.96 -32.43
N VAL C 52 -15.52 32.10 -32.85
CA VAL C 52 -16.54 32.75 -32.02
C VAL C 52 -17.99 32.60 -32.50
N ILE C 53 -18.17 31.87 -33.60
CA ILE C 53 -19.52 31.70 -34.19
C ILE C 53 -20.61 31.35 -33.17
N ASP C 54 -20.35 30.35 -32.34
CA ASP C 54 -21.38 29.84 -31.46
C ASP C 54 -21.20 30.19 -29.99
N PHE C 55 -20.47 31.26 -29.72
CA PHE C 55 -20.27 31.71 -28.35
C PHE C 55 -20.68 33.16 -28.12
N LYS C 56 -21.26 33.42 -26.96
CA LYS C 56 -21.80 34.73 -26.61
C LYS C 56 -20.89 35.46 -25.62
N GLU C 57 -20.13 34.70 -24.83
CA GLU C 57 -19.21 35.25 -23.83
C GLU C 57 -17.80 34.76 -24.10
N ILE C 58 -16.91 35.67 -24.48
CA ILE C 58 -15.59 35.27 -24.97
C ILE C 58 -14.47 36.12 -24.41
N LEU C 59 -13.42 35.45 -23.94
CA LEU C 59 -12.25 36.13 -23.45
C LEU C 59 -11.08 35.83 -24.39
N VAL C 60 -10.65 36.85 -25.13
CA VAL C 60 -9.50 36.70 -26.02
C VAL C 60 -8.26 37.24 -25.32
N LEU C 61 -7.27 36.37 -25.12
CA LEU C 61 -6.01 36.77 -24.48
C LEU C 61 -4.92 36.89 -25.53
N THR C 62 -4.31 38.07 -25.64
CA THR C 62 -3.34 38.34 -26.70
C THR C 62 -1.99 38.72 -26.13
N ASP C 63 -0.94 38.52 -26.92
CA ASP C 63 0.41 38.70 -26.41
C ASP C 63 0.79 40.14 -26.18
N LEU C 64 0.62 40.96 -27.20
CA LEU C 64 1.29 42.25 -27.19
C LEU C 64 0.37 43.37 -27.71
N LEU C 65 0.23 44.41 -26.89
CA LEU C 65 -0.54 45.60 -27.23
C LEU C 65 -0.04 46.22 -28.54
N GLY C 66 -0.96 46.46 -29.48
CA GLY C 66 -0.59 47.06 -30.75
C GLY C 66 -0.11 46.09 -31.80
N GLY C 67 0.01 44.81 -31.45
CA GLY C 67 0.37 43.81 -32.42
C GLY C 67 -0.85 43.33 -33.18
N THR C 68 -0.61 42.59 -34.26
CA THR C 68 -1.69 42.02 -35.07
C THR C 68 -2.72 41.20 -34.29
N PRO C 69 -2.27 40.25 -33.45
CA PRO C 69 -3.27 39.54 -32.64
C PRO C 69 -4.20 40.47 -31.86
N PHE C 70 -3.65 41.47 -31.18
CA PHE C 70 -4.47 42.42 -30.42
C PHE C 70 -5.33 43.29 -31.34
N ASN C 71 -4.72 43.80 -32.40
CA ASN C 71 -5.43 44.69 -33.32
C ASN C 71 -6.65 44.01 -33.95
N VAL C 72 -6.42 42.83 -34.51
CA VAL C 72 -7.49 42.05 -35.12
C VAL C 72 -8.60 41.71 -34.12
N SER C 73 -8.20 41.17 -32.96
CA SER C 73 -9.18 40.77 -31.96
C SER C 73 -10.05 41.92 -31.49
N SER C 74 -9.45 43.07 -31.21
CA SER C 74 -10.19 44.17 -30.65
C SER C 74 -11.11 44.77 -31.71
N ALA C 75 -10.67 44.75 -32.96
CA ALA C 75 -11.47 45.26 -34.08
C ALA C 75 -12.75 44.43 -34.23
N LEU C 76 -12.58 43.11 -34.14
CA LEU C 76 -13.70 42.19 -34.27
C LEU C 76 -14.62 42.24 -33.03
N SER C 77 -14.07 42.63 -31.88
CA SER C 77 -14.79 42.53 -30.61
C SER C 77 -16.00 43.46 -30.52
N VAL C 78 -16.03 44.47 -31.38
CA VAL C 78 -17.10 45.47 -31.36
C VAL C 78 -18.14 45.26 -32.45
N GLU C 79 -17.93 44.24 -33.27
CA GLU C 79 -18.73 44.08 -34.49
C GLU C 79 -19.92 43.12 -34.32
N TYR C 80 -20.10 42.57 -33.12
CA TYR C 80 -21.24 41.70 -32.85
C TYR C 80 -22.14 42.30 -31.79
N THR C 81 -23.41 42.47 -32.10
CA THR C 81 -24.36 43.07 -31.16
C THR C 81 -24.59 42.29 -29.86
N ASP C 82 -24.83 40.98 -29.97
CA ASP C 82 -25.13 40.18 -28.77
C ASP C 82 -23.97 39.32 -28.29
N LYS C 83 -22.79 39.51 -28.88
CA LYS C 83 -21.59 38.81 -28.39
C LYS C 83 -20.76 39.71 -27.50
N LYS C 84 -20.39 39.20 -26.33
CA LYS C 84 -19.53 39.94 -25.42
C LYS C 84 -18.11 39.40 -25.57
N ILE C 85 -17.25 40.21 -26.19
CA ILE C 85 -15.87 39.80 -26.45
C ILE C 85 -14.92 40.75 -25.74
N LYS C 86 -14.24 40.22 -24.72
CA LYS C 86 -13.23 40.98 -23.99
C LYS C 86 -11.87 40.65 -24.58
N VAL C 87 -11.05 41.66 -24.80
CA VAL C 87 -9.73 41.47 -25.41
C VAL C 87 -8.65 42.06 -24.50
N LEU C 88 -7.77 41.19 -24.00
CA LEU C 88 -6.66 41.66 -23.17
C LEU C 88 -5.33 41.52 -23.89
N SER C 89 -4.41 42.43 -23.59
CA SER C 89 -3.01 42.22 -23.96
C SER C 89 -2.20 41.85 -22.72
N GLY C 90 -0.94 41.48 -22.92
CA GLY C 90 -0.03 41.18 -21.81
C GLY C 90 -0.06 39.75 -21.29
N LEU C 91 -0.52 38.83 -22.12
CA LEU C 91 -0.75 37.44 -21.70
C LEU C 91 0.45 36.81 -20.99
N ASN C 92 0.21 36.39 -19.75
CA ASN C 92 1.15 35.52 -19.01
C ASN C 92 0.40 34.31 -18.46
N LEU C 93 1.10 33.40 -17.80
CA LEU C 93 0.45 32.18 -17.34
C LEU C 93 -0.53 32.47 -16.22
N SER C 94 -0.25 33.50 -15.44
CA SER C 94 -1.16 33.98 -14.40
C SER C 94 -2.53 34.35 -14.96
N MET C 95 -2.49 35.03 -16.10
CA MET C 95 -3.70 35.53 -16.77
C MET C 95 -4.53 34.34 -17.26
N LEU C 96 -3.88 33.42 -17.95
CA LEU C 96 -4.52 32.19 -18.43
C LEU C 96 -5.03 31.29 -17.32
N MET C 97 -4.19 31.03 -16.32
CA MET C 97 -4.62 30.21 -15.19
C MET C 97 -5.88 30.78 -14.53
N GLU C 98 -5.85 32.07 -14.20
CA GLU C 98 -6.95 32.65 -13.46
C GLU C 98 -8.22 32.60 -14.27
N ALA C 99 -8.08 32.82 -15.58
CA ALA C 99 -9.24 32.75 -16.46
C ALA C 99 -9.83 31.34 -16.41
N VAL C 100 -8.96 30.33 -16.48
CA VAL C 100 -9.39 28.94 -16.44
C VAL C 100 -10.03 28.57 -15.11
N LEU C 101 -9.39 28.99 -14.02
CA LEU C 101 -9.87 28.61 -12.68
C LEU C 101 -11.14 29.36 -12.24
N SER C 102 -11.32 30.58 -12.71
CA SER C 102 -12.38 31.43 -12.18
C SER C 102 -13.62 31.51 -13.07
N ARG C 103 -13.49 31.17 -14.34
CA ARG C 103 -14.59 31.36 -15.30
C ARG C 103 -15.83 30.54 -14.89
N THR C 104 -15.59 29.51 -14.09
CA THR C 104 -16.65 28.67 -13.55
C THR C 104 -17.71 29.49 -12.79
N MET C 105 -17.26 30.57 -12.15
CA MET C 105 -18.10 31.30 -11.22
C MET C 105 -18.97 32.34 -11.88
N PHE C 106 -18.81 32.52 -13.19
CA PHE C 106 -19.47 33.62 -13.88
C PHE C 106 -20.27 33.18 -15.08
N GLU C 107 -21.41 33.85 -15.30
CA GLU C 107 -22.19 33.67 -16.52
C GLU C 107 -21.62 34.59 -17.60
N HIS C 108 -21.15 35.76 -17.18
N HIS C 108 -21.12 35.74 -17.16
CA HIS C 108 -20.66 36.76 -18.11
CA HIS C 108 -20.67 36.79 -18.08
C HIS C 108 -19.17 37.04 -17.94
C HIS C 108 -19.17 37.06 -17.93
N VAL C 109 -18.47 37.15 -19.07
CA VAL C 109 -17.04 37.45 -19.09
C VAL C 109 -16.72 38.84 -18.52
N ASP C 110 -17.69 39.75 -18.58
CA ASP C 110 -17.49 41.09 -18.02
C ASP C 110 -17.18 41.02 -16.54
N ASP C 111 -17.72 40.00 -15.88
CA ASP C 111 -17.58 39.84 -14.44
C ASP C 111 -16.31 39.06 -14.10
N LEU C 112 -15.63 38.53 -15.13
CA LEU C 112 -14.45 37.69 -14.93
C LEU C 112 -13.14 38.47 -15.06
N VAL C 113 -13.16 39.49 -15.92
CA VAL C 113 -11.94 40.21 -16.30
C VAL C 113 -11.18 40.84 -15.13
N ASP C 114 -11.90 41.40 -14.16
CA ASP C 114 -11.26 42.00 -13.00
C ASP C 114 -10.37 41.02 -12.21
N LYS C 115 -10.86 39.80 -11.97
CA LYS C 115 -10.06 38.78 -11.31
C LYS C 115 -8.89 38.39 -12.19
N VAL C 116 -9.14 38.29 -13.49
CA VAL C 116 -8.09 37.84 -14.42
C VAL C 116 -6.97 38.87 -14.51
N ILE C 117 -7.35 40.14 -14.59
CA ILE C 117 -6.38 41.22 -14.70
C ILE C 117 -5.59 41.35 -13.39
N THR C 118 -6.30 41.29 -12.27
CA THR C 118 -5.66 41.33 -10.95
C THR C 118 -4.57 40.27 -10.83
N SER C 119 -4.91 39.04 -11.19
CA SER C 119 -3.96 37.93 -11.09
C SER C 119 -2.79 38.09 -12.06
N SER C 120 -3.03 38.73 -13.20
CA SER C 120 -1.98 38.95 -14.19
C SER C 120 -0.90 39.86 -13.62
N HIS C 121 -1.32 40.90 -12.90
CA HIS C 121 -0.41 41.83 -12.27
C HIS C 121 0.24 41.21 -11.03
N GLU C 122 -0.55 40.46 -10.26
CA GLU C 122 -0.02 39.78 -9.06
C GLU C 122 1.11 38.81 -9.41
N GLY C 123 1.02 38.23 -10.60
CA GLY C 123 1.96 37.21 -11.02
C GLY C 123 3.34 37.71 -11.41
N ILE C 124 3.46 39.03 -11.57
CA ILE C 124 4.71 39.67 -11.94
C ILE C 124 5.45 40.07 -10.69
N VAL C 125 6.48 39.30 -10.36
CA VAL C 125 7.19 39.46 -9.10
C VAL C 125 8.68 39.34 -9.32
N ASP C 126 9.45 40.27 -8.73
CA ASP C 126 10.91 40.13 -8.66
C ASP C 126 11.21 39.38 -7.36
N PHE C 127 11.87 38.23 -7.48
CA PHE C 127 12.19 37.40 -6.32
C PHE C 127 12.92 38.15 -5.19
N SER C 128 13.61 39.23 -5.55
CA SER C 128 14.31 40.05 -4.57
C SER C 128 13.36 40.56 -3.47
N THR C 129 12.09 40.72 -3.84
CA THR C 129 11.05 41.12 -2.89
C THR C 129 10.42 39.90 -2.23
N CYS C 130 10.68 38.74 -2.84
CA CYS C 130 10.15 37.40 -2.49
C CYS C 130 9.06 36.92 -3.47
N MET D 1 -9.85 -0.26 -26.71
CA MET D 1 -9.75 0.97 -25.91
C MET D 1 -10.70 0.87 -24.71
N ILE D 2 -11.93 1.35 -24.87
CA ILE D 2 -12.99 0.93 -23.97
C ILE D 2 -13.73 -0.23 -24.63
N LYS D 3 -13.52 -1.41 -24.08
CA LYS D 3 -14.12 -2.62 -24.63
C LYS D 3 -15.56 -2.72 -24.22
N ILE D 4 -16.44 -2.96 -25.19
CA ILE D 4 -17.85 -3.20 -24.89
C ILE D 4 -18.17 -4.68 -24.95
N ILE D 5 -18.79 -5.20 -23.91
CA ILE D 5 -19.16 -6.60 -23.86
C ILE D 5 -20.64 -6.75 -23.55
N ILE D 6 -21.34 -7.54 -24.37
CA ILE D 6 -22.76 -7.77 -24.17
C ILE D 6 -22.99 -9.17 -23.66
N VAL D 7 -23.63 -9.27 -22.50
CA VAL D 7 -23.96 -10.56 -21.92
C VAL D 7 -25.46 -10.61 -21.63
N ALA D 8 -26.14 -11.58 -22.24
CA ALA D 8 -27.60 -11.63 -22.13
C ALA D 8 -28.13 -13.03 -22.39
N HIS D 9 -29.37 -13.26 -21.97
CA HIS D 9 -30.00 -14.56 -22.16
C HIS D 9 -30.23 -14.91 -23.62
N GLY D 10 -30.07 -16.20 -23.93
CA GLY D 10 -30.30 -16.70 -25.27
C GLY D 10 -29.37 -16.06 -26.27
N ASN D 11 -29.90 -15.75 -27.45
CA ASN D 11 -29.10 -15.12 -28.50
C ASN D 11 -29.41 -13.64 -28.69
N PHE D 12 -29.97 -13.05 -27.64
CA PHE D 12 -30.14 -11.60 -27.53
C PHE D 12 -28.83 -10.89 -27.88
N PRO D 13 -27.65 -11.37 -27.39
CA PRO D 13 -26.46 -10.63 -27.84
C PRO D 13 -26.27 -10.64 -29.35
N ASP D 14 -26.32 -11.80 -29.99
CA ASP D 14 -26.22 -11.86 -31.46
C ASP D 14 -27.30 -11.01 -32.12
N GLY D 15 -28.50 -11.04 -31.56
CA GLY D 15 -29.61 -10.26 -32.11
C GLY D 15 -29.40 -8.76 -32.06
N ILE D 16 -29.04 -8.23 -30.89
CA ILE D 16 -28.78 -6.79 -30.77
C ILE D 16 -27.53 -6.36 -31.54
N LEU D 17 -26.53 -7.23 -31.61
CA LEU D 17 -25.36 -6.95 -32.42
C LEU D 17 -25.72 -6.88 -33.91
N SER D 18 -26.69 -7.68 -34.33
CA SER D 18 -27.14 -7.61 -35.73
C SER D 18 -27.76 -6.26 -36.03
N SER D 19 -28.39 -5.63 -35.04
CA SER D 19 -28.95 -4.29 -35.20
C SER D 19 -27.83 -3.27 -35.37
N LEU D 20 -26.84 -3.37 -34.49
CA LEU D 20 -25.66 -2.52 -34.57
C LEU D 20 -24.99 -2.67 -35.93
N GLU D 21 -24.88 -3.91 -36.38
CA GLU D 21 -24.22 -4.23 -37.66
C GLU D 21 -24.98 -3.58 -38.81
N LEU D 22 -26.29 -3.69 -38.78
CA LEU D 22 -27.13 -3.10 -39.83
C LEU D 22 -27.00 -1.58 -39.84
N ILE D 23 -27.05 -0.99 -38.67
CA ILE D 23 -27.08 0.47 -38.52
C ILE D 23 -25.69 1.09 -38.72
N ALA D 24 -24.71 0.58 -37.99
CA ALA D 24 -23.39 1.22 -37.94
C ALA D 24 -22.29 0.41 -38.59
N GLY D 25 -22.57 -0.86 -38.90
CA GLY D 25 -21.55 -1.74 -39.43
C GLY D 25 -20.74 -2.36 -38.32
N HIS D 26 -19.81 -3.24 -38.69
CA HIS D 26 -19.02 -3.95 -37.70
C HIS D 26 -18.12 -3.00 -36.91
N GLN D 27 -18.05 -3.22 -35.60
CA GLN D 27 -17.29 -2.37 -34.71
C GLN D 27 -16.17 -3.18 -34.07
N GLU D 28 -15.07 -2.50 -33.76
CA GLU D 28 -13.94 -3.10 -33.06
C GLU D 28 -14.22 -3.20 -31.57
N TYR D 29 -13.63 -4.21 -30.91
CA TYR D 29 -13.77 -4.38 -29.47
C TYR D 29 -15.22 -4.32 -28.98
N VAL D 30 -16.08 -5.08 -29.64
CA VAL D 30 -17.45 -5.23 -29.20
C VAL D 30 -17.77 -6.70 -29.36
N VAL D 31 -17.98 -7.39 -28.24
CA VAL D 31 -18.23 -8.83 -28.29
C VAL D 31 -19.51 -9.21 -27.57
N GLY D 32 -20.10 -10.31 -28.00
CA GLY D 32 -21.31 -10.81 -27.34
C GLY D 32 -21.07 -12.16 -26.70
N ILE D 33 -21.65 -12.33 -25.53
CA ILE D 33 -21.66 -13.62 -24.86
C ILE D 33 -23.11 -14.06 -24.74
N ASN D 34 -23.47 -15.07 -25.52
CA ASN D 34 -24.82 -15.56 -25.57
C ASN D 34 -24.99 -16.58 -24.46
N PHE D 35 -25.90 -16.30 -23.53
CA PHE D 35 -26.09 -17.20 -22.38
C PHE D 35 -27.23 -18.14 -22.71
N ILE D 36 -26.90 -19.25 -23.38
CA ILE D 36 -27.91 -20.12 -23.96
C ILE D 36 -28.26 -21.28 -23.05
N ALA D 37 -29.32 -22.00 -23.40
CA ALA D 37 -29.72 -23.19 -22.65
C ALA D 37 -28.56 -24.15 -22.48
N GLY D 38 -28.37 -24.63 -21.24
CA GLY D 38 -27.33 -25.60 -20.97
C GLY D 38 -26.01 -25.01 -20.50
N MET D 39 -25.89 -23.69 -20.56
CA MET D 39 -24.72 -23.04 -19.98
C MET D 39 -24.89 -22.81 -18.51
N SER D 40 -23.83 -23.04 -17.76
CA SER D 40 -23.79 -22.74 -16.34
C SER D 40 -23.26 -21.33 -16.17
N SER D 41 -23.39 -20.78 -14.96
CA SER D 41 -22.83 -19.46 -14.70
C SER D 41 -21.30 -19.48 -14.74
N ASN D 42 -20.70 -20.62 -14.39
CA ASN D 42 -19.26 -20.75 -14.57
C ASN D 42 -18.89 -20.60 -16.05
N ASP D 43 -19.70 -21.18 -16.92
CA ASP D 43 -19.47 -21.05 -18.35
C ASP D 43 -19.45 -19.57 -18.75
N VAL D 44 -20.35 -18.81 -18.14
CA VAL D 44 -20.43 -17.37 -18.38
C VAL D 44 -19.23 -16.64 -17.80
N ARG D 45 -18.80 -17.05 -16.60
CA ARG D 45 -17.66 -16.41 -15.96
C ARG D 45 -16.37 -16.59 -16.76
N VAL D 46 -16.20 -17.79 -17.30
CA VAL D 46 -15.01 -18.17 -18.08
C VAL D 46 -14.99 -17.42 -19.40
N ALA D 47 -16.17 -17.28 -20.00
CA ALA D 47 -16.30 -16.54 -21.26
C ALA D 47 -15.95 -15.08 -21.04
N LEU D 48 -16.44 -14.50 -19.94
CA LEU D 48 -16.18 -13.10 -19.65
C LEU D 48 -14.72 -12.85 -19.29
N GLN D 49 -14.14 -13.77 -18.51
CA GLN D 49 -12.74 -13.67 -18.12
C GLN D 49 -11.83 -13.55 -19.33
N ARG D 50 -12.11 -14.35 -20.36
CA ARG D 50 -11.40 -14.27 -21.64
C ARG D 50 -11.37 -12.87 -22.25
N GLU D 51 -12.44 -12.10 -22.05
CA GLU D 51 -12.64 -10.88 -22.82
C GLU D 51 -12.13 -9.65 -22.10
N VAL D 52 -11.69 -9.81 -20.86
CA VAL D 52 -11.36 -8.63 -20.05
C VAL D 52 -9.83 -8.49 -19.81
N ILE D 53 -9.08 -9.50 -20.24
CA ILE D 53 -7.65 -9.60 -19.88
C ILE D 53 -6.82 -8.36 -20.23
N ASP D 54 -6.90 -7.92 -21.48
CA ASP D 54 -6.00 -6.89 -21.97
C ASP D 54 -6.61 -5.48 -22.04
N PHE D 55 -7.64 -5.23 -21.25
CA PHE D 55 -8.29 -3.92 -21.21
C PHE D 55 -8.40 -3.40 -19.79
N LYS D 56 -8.12 -2.10 -19.61
CA LYS D 56 -8.25 -1.47 -18.31
C LYS D 56 -9.65 -0.90 -18.11
N GLU D 57 -10.29 -0.52 -19.22
CA GLU D 57 -11.60 0.12 -19.18
C GLU D 57 -12.62 -0.72 -19.95
N ILE D 58 -13.56 -1.33 -19.22
CA ILE D 58 -14.56 -2.21 -19.85
C ILE D 58 -15.99 -1.84 -19.48
N LEU D 59 -16.86 -1.73 -20.48
CA LEU D 59 -18.28 -1.52 -20.27
C LEU D 59 -19.03 -2.82 -20.57
N VAL D 60 -19.62 -3.43 -19.54
CA VAL D 60 -20.39 -4.67 -19.74
C VAL D 60 -21.89 -4.40 -19.71
N LEU D 61 -22.55 -4.65 -20.83
CA LEU D 61 -23.99 -4.37 -20.94
C LEU D 61 -24.76 -5.66 -20.81
N THR D 62 -25.67 -5.73 -19.85
CA THR D 62 -26.43 -6.95 -19.61
C THR D 62 -27.92 -6.71 -19.73
N ASP D 63 -28.67 -7.79 -19.93
CA ASP D 63 -30.09 -7.64 -20.25
C ASP D 63 -30.94 -7.26 -19.04
N LEU D 64 -30.75 -7.97 -17.93
CA LEU D 64 -31.73 -7.98 -16.86
C LEU D 64 -31.03 -8.00 -15.50
N LEU D 65 -31.51 -7.14 -14.61
CA LEU D 65 -31.01 -7.04 -13.25
C LEU D 65 -31.25 -8.33 -12.49
N GLY D 66 -30.20 -8.84 -11.84
CA GLY D 66 -30.34 -10.02 -11.01
C GLY D 66 -30.28 -11.32 -11.79
N GLY D 67 -30.16 -11.22 -13.11
CA GLY D 67 -29.97 -12.40 -13.94
C GLY D 67 -28.55 -12.92 -13.90
N THR D 68 -28.35 -14.14 -14.37
CA THR D 68 -27.02 -14.75 -14.40
C THR D 68 -25.98 -13.89 -15.14
N PRO D 69 -26.31 -13.35 -16.34
CA PRO D 69 -25.36 -12.46 -16.99
C PRO D 69 -24.95 -11.27 -16.14
N PHE D 70 -25.91 -10.67 -15.46
CA PHE D 70 -25.64 -9.53 -14.59
C PHE D 70 -24.85 -9.92 -13.36
N ASN D 71 -25.25 -11.04 -12.75
CA ASN D 71 -24.62 -11.51 -11.51
C ASN D 71 -23.17 -11.92 -11.69
N VAL D 72 -22.89 -12.62 -12.78
CA VAL D 72 -21.53 -13.07 -13.08
C VAL D 72 -20.63 -11.88 -13.38
N SER D 73 -21.12 -10.97 -14.23
CA SER D 73 -20.39 -9.77 -14.62
C SER D 73 -20.13 -8.85 -13.43
N SER D 74 -21.13 -8.62 -12.59
CA SER D 74 -20.92 -7.77 -11.44
C SER D 74 -19.96 -8.44 -10.44
N ALA D 75 -20.10 -9.75 -10.27
CA ALA D 75 -19.22 -10.47 -9.33
C ALA D 75 -17.75 -10.41 -9.76
N LEU D 76 -17.50 -10.52 -11.07
CA LEU D 76 -16.14 -10.41 -11.59
C LEU D 76 -15.62 -8.98 -11.47
N SER D 77 -16.50 -8.01 -11.60
CA SER D 77 -16.08 -6.60 -11.55
C SER D 77 -15.47 -6.26 -10.19
N VAL D 78 -16.06 -6.77 -9.11
CA VAL D 78 -15.60 -6.43 -7.77
C VAL D 78 -14.26 -7.12 -7.46
N GLU D 79 -13.99 -8.22 -8.15
CA GLU D 79 -12.79 -9.01 -7.87
C GLU D 79 -11.55 -8.35 -8.48
N TYR D 80 -11.72 -7.75 -9.64
CA TYR D 80 -10.64 -7.01 -10.28
C TYR D 80 -10.52 -5.62 -9.64
N THR D 81 -9.59 -5.49 -8.70
CA THR D 81 -9.45 -4.26 -7.93
C THR D 81 -8.92 -3.05 -8.72
N ASP D 82 -8.11 -3.30 -9.75
CA ASP D 82 -7.47 -2.20 -10.49
C ASP D 82 -8.06 -1.94 -11.89
N LYS D 83 -8.78 -2.91 -12.44
CA LYS D 83 -9.50 -2.69 -13.69
C LYS D 83 -10.77 -1.92 -13.41
N LYS D 84 -11.23 -1.17 -14.41
CA LYS D 84 -12.48 -0.45 -14.29
C LYS D 84 -13.51 -1.20 -15.12
N ILE D 85 -14.26 -2.09 -14.48
CA ILE D 85 -15.30 -2.85 -15.17
C ILE D 85 -16.67 -2.38 -14.72
N LYS D 86 -17.36 -1.64 -15.59
CA LYS D 86 -18.72 -1.20 -15.31
C LYS D 86 -19.73 -2.22 -15.83
N VAL D 87 -20.82 -2.40 -15.11
CA VAL D 87 -21.80 -3.41 -15.47
C VAL D 87 -23.16 -2.76 -15.37
N LEU D 88 -23.82 -2.58 -16.51
CA LEU D 88 -25.17 -2.05 -16.52
C LEU D 88 -26.17 -3.16 -16.82
N SER D 89 -27.39 -3.01 -16.32
CA SER D 89 -28.51 -3.84 -16.77
C SER D 89 -29.47 -2.95 -17.55
N GLY D 90 -30.45 -3.55 -18.20
CA GLY D 90 -31.48 -2.80 -18.92
C GLY D 90 -31.15 -2.53 -20.38
N LEU D 91 -30.27 -3.35 -20.94
CA LEU D 91 -29.73 -3.14 -22.28
C LEU D 91 -30.84 -2.92 -23.31
N ASN D 92 -30.84 -1.72 -23.89
CA ASN D 92 -31.63 -1.45 -25.10
C ASN D 92 -30.73 -1.00 -26.23
N LEU D 93 -31.29 -0.66 -27.38
CA LEU D 93 -30.40 -0.34 -28.50
C LEU D 93 -29.79 1.05 -28.31
N SER D 94 -30.53 1.95 -27.65
CA SER D 94 -30.00 3.26 -27.28
C SER D 94 -28.72 3.10 -26.48
N MET D 95 -28.77 2.20 -25.50
CA MET D 95 -27.63 1.94 -24.63
C MET D 95 -26.42 1.55 -25.47
N LEU D 96 -26.60 0.55 -26.31
CA LEU D 96 -25.50 0.06 -27.16
C LEU D 96 -24.99 1.11 -28.14
N MET D 97 -25.91 1.80 -28.81
CA MET D 97 -25.48 2.80 -29.77
C MET D 97 -24.71 3.93 -29.09
N GLU D 98 -25.17 4.38 -27.93
CA GLU D 98 -24.49 5.46 -27.22
C GLU D 98 -23.13 4.99 -26.74
N ALA D 99 -23.08 3.74 -26.30
CA ALA D 99 -21.80 3.17 -25.87
C ALA D 99 -20.80 3.15 -27.03
N VAL D 100 -21.25 2.68 -28.19
CA VAL D 100 -20.41 2.59 -29.38
C VAL D 100 -20.06 3.96 -29.96
N LEU D 101 -21.08 4.80 -30.14
CA LEU D 101 -20.84 6.09 -30.80
C LEU D 101 -20.17 7.16 -29.91
N SER D 102 -20.15 6.97 -28.59
CA SER D 102 -19.58 7.99 -27.71
C SER D 102 -18.27 7.58 -27.01
N ARG D 103 -17.90 6.31 -27.11
CA ARG D 103 -16.75 5.80 -26.36
C ARG D 103 -15.44 6.53 -26.72
N THR D 104 -15.27 6.89 -27.98
CA THR D 104 -14.00 7.49 -28.44
C THR D 104 -13.77 8.91 -27.92
N MET D 105 -14.82 9.57 -27.46
CA MET D 105 -14.68 10.89 -26.88
C MET D 105 -14.68 10.80 -25.35
N PHE D 106 -14.20 9.65 -24.86
CA PHE D 106 -13.96 9.46 -23.43
C PHE D 106 -12.72 8.61 -23.25
N GLU D 107 -11.87 9.01 -22.30
CA GLU D 107 -10.70 8.22 -21.97
C GLU D 107 -11.05 7.18 -20.90
N HIS D 108 -11.96 7.55 -20.00
CA HIS D 108 -12.38 6.65 -18.93
C HIS D 108 -13.84 6.22 -19.07
N VAL D 109 -14.12 4.98 -18.67
CA VAL D 109 -15.46 4.39 -18.82
C VAL D 109 -16.50 4.99 -17.86
N ASP D 110 -16.04 5.48 -16.70
CA ASP D 110 -16.96 6.06 -15.73
C ASP D 110 -17.73 7.23 -16.34
N ASP D 111 -17.01 8.05 -17.11
CA ASP D 111 -17.62 9.19 -17.76
C ASP D 111 -18.56 8.79 -18.90
N LEU D 112 -18.24 7.69 -19.57
CA LEU D 112 -19.09 7.20 -20.66
C LEU D 112 -20.42 6.67 -20.11
N VAL D 113 -20.38 6.06 -18.93
CA VAL D 113 -21.56 5.41 -18.36
C VAL D 113 -22.72 6.37 -18.07
N ASP D 114 -22.43 7.53 -17.49
CA ASP D 114 -23.47 8.50 -17.17
C ASP D 114 -24.19 8.92 -18.46
N LYS D 115 -23.44 9.10 -19.54
CA LYS D 115 -24.06 9.43 -20.81
C LYS D 115 -24.88 8.26 -21.35
N VAL D 116 -24.33 7.06 -21.26
CA VAL D 116 -25.01 5.85 -21.72
C VAL D 116 -26.30 5.59 -20.95
N ILE D 117 -26.22 5.74 -19.62
CA ILE D 117 -27.41 5.61 -18.77
C ILE D 117 -28.49 6.61 -19.22
N THR D 118 -28.10 7.87 -19.33
CA THR D 118 -29.02 8.93 -19.75
C THR D 118 -29.74 8.57 -21.05
N SER D 119 -28.97 8.24 -22.07
CA SER D 119 -29.52 7.89 -23.37
C SER D 119 -30.40 6.65 -23.31
N SER D 120 -30.09 5.74 -22.40
CA SER D 120 -30.88 4.52 -22.25
C SER D 120 -32.28 4.83 -21.74
N HIS D 121 -32.39 5.81 -20.84
CA HIS D 121 -33.69 6.21 -20.31
C HIS D 121 -34.43 7.05 -21.35
N GLU D 122 -33.70 7.97 -21.96
CA GLU D 122 -34.29 8.89 -22.94
C GLU D 122 -34.87 8.13 -24.14
N GLY D 123 -34.34 6.95 -24.40
CA GLY D 123 -34.76 6.16 -25.56
C GLY D 123 -36.07 5.44 -25.35
N ILE D 124 -36.55 5.42 -24.11
CA ILE D 124 -37.83 4.81 -23.76
C ILE D 124 -38.93 5.86 -23.90
N VAL D 125 -39.74 5.72 -24.95
CA VAL D 125 -40.78 6.72 -25.26
C VAL D 125 -42.09 6.03 -25.63
N ASP D 126 -43.21 6.61 -25.16
CA ASP D 126 -44.55 6.20 -25.57
C ASP D 126 -44.97 7.18 -26.67
N PHE D 127 -45.22 6.69 -27.88
CA PHE D 127 -45.49 7.57 -29.04
C PHE D 127 -46.67 8.51 -28.82
N SER D 128 -47.65 8.07 -28.04
CA SER D 128 -48.85 8.87 -27.80
C SER D 128 -48.54 10.14 -27.00
N THR D 129 -47.34 10.20 -26.42
CA THR D 129 -46.90 11.39 -25.70
C THR D 129 -46.20 12.37 -26.65
N CYS D 130 -45.76 11.82 -27.80
CA CYS D 130 -45.21 12.54 -28.96
C CYS D 130 -44.36 11.59 -29.81
N MET E 1 4.83 12.16 -5.37
N MET E 1 4.74 12.00 -5.25
CA MET E 1 4.74 12.51 -3.95
CA MET E 1 4.78 12.78 -4.02
C MET E 1 3.43 13.23 -3.67
C MET E 1 3.40 13.30 -3.67
N ILE E 2 3.02 13.21 -2.40
CA ILE E 2 1.84 13.93 -1.95
C ILE E 2 2.30 15.12 -1.14
N LYS E 3 2.03 16.31 -1.66
CA LYS E 3 2.43 17.51 -0.96
C LYS E 3 1.43 17.79 0.15
N ILE E 4 1.94 18.10 1.34
CA ILE E 4 1.10 18.48 2.45
C ILE E 4 1.17 19.99 2.67
N ILE E 5 0.01 20.63 2.74
CA ILE E 5 -0.04 22.05 2.97
C ILE E 5 -0.93 22.37 4.16
N ILE E 6 -0.37 23.13 5.09
CA ILE E 6 -1.09 23.45 6.31
C ILE E 6 -1.56 24.89 6.26
N VAL E 7 -2.88 25.10 6.30
CA VAL E 7 -3.43 26.45 6.32
C VAL E 7 -4.27 26.68 7.56
N ALA E 8 -3.91 27.69 8.36
CA ALA E 8 -4.57 27.89 9.65
C ALA E 8 -4.44 29.32 10.15
N HIS E 9 -5.34 29.70 11.06
CA HIS E 9 -5.31 31.04 11.65
C HIS E 9 -4.05 31.32 12.47
N GLY E 10 -3.58 32.55 12.38
CA GLY E 10 -2.43 32.99 13.14
C GLY E 10 -1.18 32.23 12.76
N ASN E 11 -0.35 31.92 13.75
CA ASN E 11 0.87 31.18 13.48
C ASN E 11 0.77 29.73 13.91
N PHE E 12 -0.45 29.23 14.00
CA PHE E 12 -0.77 27.80 14.17
C PHE E 12 0.08 26.93 13.22
N PRO E 13 0.13 27.27 11.90
CA PRO E 13 0.97 26.44 11.02
C PRO E 13 2.42 26.37 11.49
N ASP E 14 3.04 27.50 11.81
CA ASP E 14 4.42 27.46 12.27
C ASP E 14 4.52 26.68 13.56
N GLY E 15 3.52 26.83 14.42
CA GLY E 15 3.53 26.13 15.69
C GLY E 15 3.40 24.63 15.57
N ILE E 16 2.46 24.15 14.76
CA ILE E 16 2.33 22.70 14.60
C ILE E 16 3.48 22.12 13.79
N LEU E 17 4.02 22.89 12.84
CA LEU E 17 5.23 22.45 12.14
C LEU E 17 6.42 22.28 13.09
N SER E 18 6.49 23.10 14.14
CA SER E 18 7.59 22.98 15.10
C SER E 18 7.46 21.67 15.86
N SER E 19 6.21 21.23 16.06
CA SER E 19 5.96 19.93 16.70
C SER E 19 6.54 18.84 15.82
N LEU E 20 6.20 18.92 14.54
CA LEU E 20 6.70 17.98 13.54
C LEU E 20 8.22 17.99 13.53
N GLU E 21 8.80 19.19 13.54
CA GLU E 21 10.25 19.33 13.42
C GLU E 21 10.91 18.68 14.63
N LEU E 22 10.32 18.87 15.80
CA LEU E 22 10.88 18.30 17.05
C LEU E 22 10.84 16.77 17.03
N ILE E 23 9.68 16.22 16.66
CA ILE E 23 9.46 14.78 16.67
C ILE E 23 10.16 14.07 15.50
N ALA E 24 9.87 14.50 14.27
CA ALA E 24 10.33 13.77 13.09
C ALA E 24 11.41 14.49 12.29
N GLY E 25 11.67 15.75 12.61
CA GLY E 25 12.69 16.50 11.90
C GLY E 25 12.12 17.11 10.63
N HIS E 26 12.98 17.76 9.86
CA HIS E 26 12.56 18.44 8.63
C HIS E 26 12.00 17.46 7.61
N GLN E 27 10.85 17.80 7.04
CA GLN E 27 10.23 16.99 5.98
C GLN E 27 10.24 17.78 4.68
N GLU E 28 10.33 17.05 3.57
CA GLU E 28 10.25 17.65 2.23
C GLU E 28 8.77 17.76 1.83
N TYR E 29 8.44 18.76 1.02
CA TYR E 29 7.08 18.95 0.54
C TYR E 29 6.05 19.03 1.65
N VAL E 30 6.32 19.87 2.64
CA VAL E 30 5.39 20.18 3.70
C VAL E 30 5.54 21.66 3.96
N VAL E 31 4.49 22.45 3.73
CA VAL E 31 4.58 23.89 3.92
C VAL E 31 3.41 24.40 4.74
N GLY E 32 3.62 25.53 5.42
CA GLY E 32 2.56 26.16 6.18
C GLY E 32 2.19 27.52 5.63
N ILE E 33 0.90 27.81 5.63
CA ILE E 33 0.44 29.14 5.29
C ILE E 33 -0.23 29.75 6.52
N ASN E 34 0.47 30.69 7.13
CA ASN E 34 -0.03 31.36 8.32
C ASN E 34 -1.00 32.47 7.94
N PHE E 35 -2.25 32.33 8.37
CA PHE E 35 -3.28 33.30 8.06
C PHE E 35 -3.34 34.32 9.18
N ILE E 36 -2.47 35.31 9.13
CA ILE E 36 -2.29 36.23 10.24
C ILE E 36 -3.15 37.47 10.09
N ALA E 37 -3.21 38.28 11.14
CA ALA E 37 -3.94 39.56 11.11
C ALA E 37 -3.53 40.40 9.91
N GLY E 38 -4.51 40.96 9.21
CA GLY E 38 -4.22 41.84 8.08
C GLY E 38 -4.26 41.15 6.73
N MET E 39 -4.18 39.82 6.74
CA MET E 39 -4.29 39.05 5.51
C MET E 39 -5.73 38.92 5.07
N SER E 40 -5.95 39.10 3.77
CA SER E 40 -7.27 38.94 3.18
C SER E 40 -7.42 37.51 2.68
N SER E 41 -8.66 37.15 2.42
CA SER E 41 -8.98 35.87 1.79
C SER E 41 -8.18 35.68 0.49
N ASN E 42 -8.11 36.74 -0.32
CA ASN E 42 -7.31 36.70 -1.54
C ASN E 42 -5.85 36.37 -1.26
N ASP E 43 -5.28 36.99 -0.22
CA ASP E 43 -3.90 36.74 0.15
C ASP E 43 -3.65 35.24 0.37
N VAL E 44 -4.61 34.56 1.01
CA VAL E 44 -4.53 33.11 1.23
C VAL E 44 -4.65 32.34 -0.08
N ARG E 45 -5.54 32.79 -0.97
CA ARG E 45 -5.72 32.09 -2.22
C ARG E 45 -4.46 32.13 -3.07
N VAL E 46 -3.82 33.30 -3.10
CA VAL E 46 -2.57 33.51 -3.85
C VAL E 46 -1.46 32.68 -3.26
N ALA E 47 -1.43 32.63 -1.93
CA ALA E 47 -0.40 31.84 -1.24
C ALA E 47 -0.56 30.36 -1.53
N LEU E 48 -1.80 29.90 -1.55
CA LEU E 48 -2.09 28.50 -1.80
C LEU E 48 -1.81 28.11 -3.23
N GLN E 49 -2.20 29.00 -4.15
CA GLN E 49 -2.03 28.78 -5.58
C GLN E 49 -0.57 28.54 -5.92
N ARG E 50 0.31 29.31 -5.28
CA ARG E 50 1.76 29.14 -5.39
C ARG E 50 2.24 27.71 -5.06
N GLU E 51 1.50 27.01 -4.21
CA GLU E 51 2.01 25.77 -3.62
C GLU E 51 1.47 24.52 -4.29
N VAL E 52 0.53 24.68 -5.21
CA VAL E 52 -0.08 23.49 -5.84
C VAL E 52 0.29 23.31 -7.32
N ILE E 53 1.09 24.23 -7.85
CA ILE E 53 1.35 24.26 -9.29
C ILE E 53 1.90 22.96 -9.83
N ASP E 54 2.95 22.44 -9.20
CA ASP E 54 3.67 21.29 -9.75
C ASP E 54 3.36 19.97 -9.04
N PHE E 55 2.14 19.84 -8.55
CA PHE E 55 1.71 18.62 -7.87
C PHE E 55 0.33 18.17 -8.32
N LYS E 56 0.19 16.89 -8.64
CA LYS E 56 -1.09 16.32 -9.03
C LYS E 56 -1.87 15.89 -7.79
N GLU E 57 -1.14 15.52 -6.74
CA GLU E 57 -1.75 14.99 -5.51
C GLU E 57 -1.38 15.87 -4.33
N ILE E 58 -2.38 16.52 -3.73
CA ILE E 58 -2.15 17.44 -2.61
C ILE E 58 -3.09 17.20 -1.45
N LEU E 59 -2.54 17.19 -0.23
CA LEU E 59 -3.35 17.12 0.98
C LEU E 59 -3.26 18.46 1.72
N VAL E 60 -4.38 19.18 1.80
CA VAL E 60 -4.40 20.45 2.52
C VAL E 60 -5.07 20.26 3.86
N LEU E 61 -4.34 20.53 4.94
CA LEU E 61 -4.89 20.38 6.29
C LEU E 61 -5.19 21.76 6.86
N THR E 62 -6.43 21.98 7.26
CA THR E 62 -6.81 23.29 7.78
C THR E 62 -7.35 23.16 9.19
N ASP E 63 -7.32 24.26 9.94
CA ASP E 63 -7.68 24.21 11.35
C ASP E 63 -9.16 24.01 11.63
N LEU E 64 -10.01 24.74 10.90
CA LEU E 64 -11.39 24.90 11.34
C LEU E 64 -12.33 24.94 10.16
N LEU E 65 -13.35 24.10 10.24
CA LEU E 65 -14.43 24.08 9.26
C LEU E 65 -15.08 25.45 9.15
N GLY E 66 -15.23 25.94 7.91
CA GLY E 66 -15.94 27.18 7.68
C GLY E 66 -15.09 28.42 7.79
N GLY E 67 -13.85 28.27 8.23
CA GLY E 67 -12.93 29.38 8.31
C GLY E 67 -12.36 29.77 6.96
N THR E 68 -11.72 30.93 6.90
CA THR E 68 -11.09 31.38 5.65
C THR E 68 -10.10 30.35 5.07
N PRO E 69 -9.19 29.80 5.91
CA PRO E 69 -8.29 28.77 5.38
C PRO E 69 -9.05 27.61 4.73
N PHE E 70 -10.12 27.16 5.36
CA PHE E 70 -10.89 26.03 4.84
C PHE E 70 -11.65 26.41 3.57
N ASN E 71 -12.28 27.57 3.62
CA ASN E 71 -13.11 28.04 2.51
C ASN E 71 -12.29 28.35 1.26
N VAL E 72 -11.12 28.93 1.45
CA VAL E 72 -10.22 29.22 0.33
C VAL E 72 -9.68 27.94 -0.29
N SER E 73 -9.20 27.03 0.56
CA SER E 73 -8.67 25.76 0.09
C SER E 73 -9.71 24.93 -0.64
N SER E 74 -10.92 24.86 -0.08
CA SER E 74 -11.95 24.03 -0.67
C SER E 74 -12.42 24.63 -1.99
N ALA E 75 -12.51 25.95 -2.02
CA ALA E 75 -12.95 26.63 -3.24
C ALA E 75 -11.96 26.39 -4.36
N LEU E 76 -10.67 26.43 -4.04
CA LEU E 76 -9.64 26.17 -5.04
C LEU E 76 -9.64 24.72 -5.50
N SER E 77 -9.92 23.80 -4.58
CA SER E 77 -9.85 22.37 -4.93
C SER E 77 -10.86 21.99 -6.00
N VAL E 78 -12.01 22.66 -6.02
CA VAL E 78 -13.05 22.34 -6.99
C VAL E 78 -12.79 23.02 -8.34
N GLU E 79 -12.00 24.09 -8.33
CA GLU E 79 -11.71 24.82 -9.57
C GLU E 79 -10.70 24.05 -10.41
N TYR E 80 -9.77 23.38 -9.73
CA TYR E 80 -8.86 22.46 -10.39
C TYR E 80 -9.57 21.13 -10.60
N THR E 81 -10.12 20.93 -11.79
CA THR E 81 -10.91 19.72 -12.05
C THR E 81 -10.06 18.45 -12.25
N ASP E 82 -8.78 18.62 -12.57
CA ASP E 82 -7.92 17.45 -12.79
C ASP E 82 -6.64 17.43 -11.95
N LYS E 83 -6.62 18.24 -10.89
CA LYS E 83 -5.68 18.05 -9.79
C LYS E 83 -6.49 17.43 -8.67
N LYS E 84 -5.86 16.61 -7.85
CA LYS E 84 -6.56 16.06 -6.70
C LYS E 84 -6.13 16.78 -5.43
N ILE E 85 -6.90 17.78 -5.05
CA ILE E 85 -6.64 18.53 -3.84
C ILE E 85 -7.68 18.16 -2.78
N LYS E 86 -7.23 17.42 -1.78
CA LYS E 86 -8.09 17.07 -0.66
C LYS E 86 -7.94 18.12 0.43
N VAL E 87 -9.06 18.52 1.03
CA VAL E 87 -9.05 19.55 2.05
C VAL E 87 -9.72 18.98 3.29
N LEU E 88 -8.97 18.89 4.39
CA LEU E 88 -9.53 18.46 5.66
C LEU E 88 -9.57 19.64 6.64
N SER E 89 -10.52 19.61 7.57
CA SER E 89 -10.51 20.54 8.70
C SER E 89 -10.27 19.71 9.94
N GLY E 90 -10.06 20.38 11.07
CA GLY E 90 -9.90 19.68 12.34
C GLY E 90 -8.47 19.28 12.65
N LEU E 91 -7.52 19.98 12.05
CA LEU E 91 -6.11 19.68 12.16
C LEU E 91 -5.65 19.46 13.59
N ASN E 92 -5.21 18.25 13.86
CA ASN E 92 -4.47 17.99 15.12
C ASN E 92 -3.13 17.37 14.79
N LEU E 93 -2.33 17.02 15.80
CA LEU E 93 -0.99 16.53 15.47
C LEU E 93 -1.04 15.11 14.90
N SER E 94 -2.01 14.31 15.35
CA SER E 94 -2.20 12.97 14.79
C SER E 94 -2.41 13.07 13.27
N MET E 95 -3.26 14.00 12.89
CA MET E 95 -3.58 14.26 11.48
C MET E 95 -2.31 14.53 10.67
N LEU E 96 -1.50 15.44 11.18
CA LEU E 96 -0.24 15.80 10.52
C LEU E 96 0.78 14.67 10.51
N MET E 97 0.94 13.99 11.64
CA MET E 97 1.88 12.90 11.71
C MET E 97 1.50 11.73 10.80
N GLU E 98 0.23 11.35 10.81
CA GLU E 98 -0.22 10.25 9.95
C GLU E 98 -0.02 10.61 8.48
N ALA E 99 -0.34 11.84 8.12
CA ALA E 99 -0.13 12.27 6.74
C ALA E 99 1.34 12.17 6.35
N VAL E 100 2.22 12.63 7.22
CA VAL E 100 3.65 12.63 6.95
C VAL E 100 4.22 11.21 6.97
N LEU E 101 3.86 10.45 8.00
CA LEU E 101 4.42 9.11 8.17
C LEU E 101 3.82 8.06 7.24
N SER E 102 2.66 8.32 6.65
CA SER E 102 2.01 7.30 5.82
C SER E 102 1.94 7.61 4.33
N ARG E 103 2.27 8.85 3.94
CA ARG E 103 2.09 9.24 2.54
C ARG E 103 2.88 8.39 1.55
N THR E 104 4.07 7.94 1.93
CA THR E 104 4.87 7.09 1.04
C THR E 104 4.26 5.70 0.84
N MET E 105 3.16 5.41 1.54
CA MET E 105 2.45 4.15 1.37
C MET E 105 1.39 4.22 0.28
N PHE E 106 1.30 5.36 -0.39
CA PHE E 106 0.15 5.60 -1.26
C PHE E 106 0.48 6.38 -2.53
N GLU E 107 0.07 5.84 -3.67
CA GLU E 107 0.17 6.57 -4.93
C GLU E 107 -0.79 7.74 -4.90
N HIS E 108 -1.92 7.54 -4.22
CA HIS E 108 -3.05 8.46 -4.33
C HIS E 108 -3.45 9.09 -3.00
N VAL E 109 -3.70 10.40 -3.02
CA VAL E 109 -4.10 11.14 -1.83
C VAL E 109 -5.45 10.66 -1.29
N ASP E 110 -6.29 10.17 -2.20
CA ASP E 110 -7.58 9.58 -1.83
C ASP E 110 -7.39 8.47 -0.79
N ASP E 111 -6.44 7.59 -1.06
CA ASP E 111 -6.17 6.47 -0.16
C ASP E 111 -5.62 6.95 1.18
N LEU E 112 -4.69 7.89 1.15
CA LEU E 112 -4.10 8.45 2.38
C LEU E 112 -5.13 9.11 3.31
N VAL E 113 -6.09 9.82 2.74
CA VAL E 113 -7.03 10.62 3.54
C VAL E 113 -7.85 9.77 4.50
N ASP E 114 -8.32 8.63 4.03
CA ASP E 114 -9.10 7.72 4.89
C ASP E 114 -8.32 7.31 6.13
N LYS E 115 -7.06 6.95 5.96
CA LYS E 115 -6.20 6.59 7.08
C LYS E 115 -5.96 7.78 8.00
N VAL E 116 -5.69 8.94 7.40
CA VAL E 116 -5.43 10.17 8.13
C VAL E 116 -6.63 10.61 8.96
N ILE E 117 -7.83 10.45 8.41
CA ILE E 117 -9.06 10.80 9.12
C ILE E 117 -9.24 9.91 10.34
N THR E 118 -9.10 8.60 10.12
CA THR E 118 -9.20 7.61 11.19
C THR E 118 -8.26 7.98 12.34
N SER E 119 -6.99 8.21 12.01
CA SER E 119 -5.99 8.55 13.02
C SER E 119 -6.31 9.85 13.75
N SER E 120 -6.87 10.82 13.03
CA SER E 120 -7.22 12.10 13.63
C SER E 120 -8.26 11.91 14.73
N HIS E 121 -9.23 11.04 14.46
CA HIS E 121 -10.31 10.79 15.42
C HIS E 121 -9.78 9.91 16.56
N GLU E 122 -8.99 8.91 16.20
CA GLU E 122 -8.43 8.01 17.21
C GLU E 122 -7.51 8.72 18.17
N GLY E 123 -6.99 9.87 17.77
CA GLY E 123 -6.03 10.60 18.61
C GLY E 123 -6.71 11.45 19.66
N ILE E 124 -8.03 11.57 19.57
CA ILE E 124 -8.79 12.33 20.56
C ILE E 124 -9.18 11.37 21.66
N VAL E 125 -8.56 11.55 22.82
CA VAL E 125 -8.76 10.63 23.93
C VAL E 125 -8.88 11.41 25.24
N ASP E 126 -9.79 10.98 26.10
CA ASP E 126 -9.91 11.50 27.46
C ASP E 126 -9.21 10.49 28.39
N PHE E 127 -8.21 10.94 29.13
CA PHE E 127 -7.36 10.02 29.91
C PHE E 127 -8.13 9.18 30.91
N SER E 128 -9.27 9.69 31.37
CA SER E 128 -10.09 8.97 32.34
C SER E 128 -10.64 7.66 31.79
N THR E 129 -10.66 7.53 30.46
CA THR E 129 -11.15 6.33 29.81
C THR E 129 -10.07 5.25 29.74
N CYS E 130 -8.81 5.71 29.81
CA CYS E 130 -7.58 4.89 29.86
C CYS E 130 -6.40 5.78 29.48
N MET F 1 -6.88 -13.04 5.30
N MET F 1 -6.67 -12.96 5.45
CA MET F 1 -6.00 -12.95 4.14
CA MET F 1 -6.24 -12.95 4.06
C MET F 1 -5.44 -14.31 3.75
C MET F 1 -5.50 -14.25 3.73
N ILE F 2 -5.55 -14.65 2.47
CA ILE F 2 -4.89 -15.85 1.99
C ILE F 2 -3.64 -15.41 1.24
N LYS F 3 -2.47 -15.74 1.77
CA LYS F 3 -1.22 -15.34 1.14
C LYS F 3 -0.86 -16.31 0.02
N ILE F 4 -0.49 -15.75 -1.12
CA ILE F 4 -0.08 -16.54 -2.28
C ILE F 4 1.43 -16.44 -2.40
N ILE F 5 2.10 -17.59 -2.49
CA ILE F 5 3.54 -17.62 -2.60
C ILE F 5 3.91 -18.43 -3.83
N ILE F 6 4.70 -17.84 -4.73
CA ILE F 6 5.10 -18.52 -5.95
C ILE F 6 6.56 -18.95 -5.85
N VAL F 7 6.79 -20.26 -5.99
CA VAL F 7 8.15 -20.79 -5.93
C VAL F 7 8.42 -21.59 -7.19
N ALA F 8 9.47 -21.19 -7.92
CA ALA F 8 9.72 -21.80 -9.22
C ALA F 8 11.18 -21.61 -9.64
N HIS F 9 11.62 -22.40 -10.62
CA HIS F 9 12.99 -22.34 -11.12
C HIS F 9 13.30 -21.05 -11.85
N GLY F 10 14.54 -20.58 -11.69
CA GLY F 10 15.00 -19.36 -12.33
C GLY F 10 14.22 -18.15 -11.87
N ASN F 11 13.95 -17.24 -12.81
CA ASN F 11 13.15 -16.07 -12.48
C ASN F 11 11.73 -16.19 -13.01
N PHE F 12 11.24 -17.43 -13.10
CA PHE F 12 9.86 -17.67 -13.49
C PHE F 12 8.85 -16.97 -12.53
N PRO F 13 9.13 -16.96 -11.21
CA PRO F 13 8.21 -16.21 -10.36
C PRO F 13 8.13 -14.73 -10.70
N ASP F 14 9.28 -14.07 -10.88
CA ASP F 14 9.26 -12.65 -11.28
C ASP F 14 8.52 -12.49 -12.59
N GLY F 15 8.75 -13.42 -13.52
CA GLY F 15 8.13 -13.34 -14.83
C GLY F 15 6.62 -13.44 -14.78
N ILE F 16 6.11 -14.43 -14.06
CA ILE F 16 4.66 -14.60 -14.00
C ILE F 16 4.01 -13.49 -13.16
N LEU F 17 4.74 -12.96 -12.19
CA LEU F 17 4.24 -11.81 -11.42
C LEU F 17 4.14 -10.57 -12.30
N SER F 18 5.02 -10.46 -13.28
CA SER F 18 4.97 -9.33 -14.19
C SER F 18 3.73 -9.42 -15.06
N SER F 19 3.33 -10.64 -15.41
CA SER F 19 2.09 -10.85 -16.17
C SER F 19 0.90 -10.38 -15.35
N LEU F 20 0.86 -10.84 -14.10
CA LEU F 20 -0.19 -10.46 -13.16
C LEU F 20 -0.31 -8.94 -13.01
N GLU F 21 0.85 -8.29 -12.85
CA GLU F 21 0.90 -6.85 -12.68
C GLU F 21 0.29 -6.12 -13.89
N LEU F 22 0.63 -6.57 -15.09
CA LEU F 22 0.16 -5.95 -16.33
C LEU F 22 -1.35 -6.13 -16.48
N ILE F 23 -1.85 -7.29 -16.06
CA ILE F 23 -3.26 -7.63 -16.24
C ILE F 23 -4.16 -7.06 -15.13
N ALA F 24 -3.72 -7.20 -13.89
CA ALA F 24 -4.57 -6.89 -12.74
C ALA F 24 -4.05 -5.79 -11.81
N GLY F 25 -2.81 -5.34 -12.05
CA GLY F 25 -2.20 -4.34 -11.19
C GLY F 25 -1.52 -5.03 -10.03
N HIS F 26 -0.80 -4.28 -9.20
CA HIS F 26 -0.07 -4.87 -8.08
C HIS F 26 -1.02 -5.41 -7.02
N GLN F 27 -0.71 -6.60 -6.50
CA GLN F 27 -1.56 -7.25 -5.53
C GLN F 27 -0.87 -7.35 -4.17
N GLU F 28 -1.67 -7.30 -3.10
CA GLU F 28 -1.14 -7.48 -1.75
C GLU F 28 -0.97 -8.95 -1.43
N TYR F 29 -0.02 -9.27 -0.57
CA TYR F 29 0.11 -10.62 -0.05
C TYR F 29 0.32 -11.66 -1.15
N VAL F 30 1.16 -11.31 -2.11
CA VAL F 30 1.55 -12.21 -3.18
C VAL F 30 3.05 -12.02 -3.35
N VAL F 31 3.83 -13.06 -3.13
CA VAL F 31 5.28 -12.94 -3.20
C VAL F 31 5.88 -14.03 -4.07
N GLY F 32 7.03 -13.73 -4.66
CA GLY F 32 7.72 -14.73 -5.45
C GLY F 32 9.05 -15.12 -4.82
N ILE F 33 9.34 -16.43 -4.81
CA ILE F 33 10.67 -16.91 -4.47
C ILE F 33 11.33 -17.51 -5.71
N ASN F 34 12.33 -16.79 -6.24
CA ASN F 34 13.02 -17.21 -7.44
C ASN F 34 14.14 -18.20 -7.10
N PHE F 35 13.99 -19.43 -7.58
CA PHE F 35 14.98 -20.48 -7.31
C PHE F 35 16.03 -20.47 -8.42
N ILE F 36 17.00 -19.58 -8.27
CA ILE F 36 17.96 -19.30 -9.32
C ILE F 36 19.24 -20.11 -9.17
N ALA F 37 20.05 -20.12 -10.21
CA ALA F 37 21.35 -20.80 -10.16
C ALA F 37 22.13 -20.38 -8.93
N GLY F 38 22.66 -21.36 -8.20
CA GLY F 38 23.47 -21.08 -7.04
C GLY F 38 22.79 -21.34 -5.70
N MET F 39 21.47 -21.16 -5.62
CA MET F 39 20.82 -21.40 -4.34
C MET F 39 20.48 -22.86 -4.13
N SER F 40 20.57 -23.29 -2.88
CA SER F 40 20.31 -24.66 -2.50
C SER F 40 18.88 -24.85 -2.07
N SER F 41 18.47 -26.10 -1.88
N SER F 41 18.48 -26.10 -1.89
CA SER F 41 17.14 -26.40 -1.36
CA SER F 41 17.17 -26.44 -1.36
C SER F 41 16.94 -25.76 0.00
C SER F 41 16.94 -25.81 0.01
N ASN F 42 17.98 -25.74 0.82
CA ASN F 42 17.87 -25.11 2.13
C ASN F 42 17.58 -23.62 2.00
N ASP F 43 18.21 -22.97 1.03
CA ASP F 43 17.95 -21.56 0.77
C ASP F 43 16.45 -21.37 0.52
N VAL F 44 15.87 -22.24 -0.30
CA VAL F 44 14.43 -22.16 -0.58
C VAL F 44 13.62 -22.40 0.67
N ARG F 45 14.07 -23.36 1.49
CA ARG F 45 13.36 -23.64 2.71
C ARG F 45 13.38 -22.45 3.63
N VAL F 46 14.56 -21.84 3.79
CA VAL F 46 14.71 -20.67 4.65
C VAL F 46 13.78 -19.55 4.21
N ALA F 47 13.81 -19.26 2.92
CA ALA F 47 12.97 -18.19 2.37
C ALA F 47 11.50 -18.48 2.60
N LEU F 48 11.08 -19.72 2.38
CA LEU F 48 9.64 -20.01 2.49
C LEU F 48 9.17 -19.91 3.95
N GLN F 49 9.98 -20.42 4.88
CA GLN F 49 9.68 -20.28 6.30
C GLN F 49 9.45 -18.83 6.66
N ARG F 50 10.33 -17.97 6.17
CA ARG F 50 10.28 -16.56 6.47
C ARG F 50 8.99 -15.93 5.96
N GLU F 51 8.57 -16.33 4.77
CA GLU F 51 7.37 -15.74 4.17
C GLU F 51 6.10 -16.17 4.89
N VAL F 52 6.22 -17.23 5.67
CA VAL F 52 5.06 -17.96 6.21
C VAL F 52 4.83 -17.66 7.72
N ILE F 53 5.78 -16.96 8.33
CA ILE F 53 5.77 -16.71 9.80
C ILE F 53 4.41 -16.20 10.31
N ASP F 54 3.90 -15.15 9.67
CA ASP F 54 2.74 -14.46 10.23
C ASP F 54 1.43 -14.73 9.51
N PHE F 55 1.37 -15.85 8.80
CA PHE F 55 0.17 -16.19 8.05
C PHE F 55 -0.36 -17.57 8.40
N LYS F 56 -1.69 -17.70 8.43
CA LYS F 56 -2.31 -18.95 8.82
C LYS F 56 -2.92 -19.70 7.63
N GLU F 57 -3.26 -18.95 6.58
CA GLU F 57 -3.82 -19.52 5.36
C GLU F 57 -2.94 -19.18 4.17
N ILE F 58 -2.28 -20.19 3.61
CA ILE F 58 -1.23 -19.97 2.60
C ILE F 58 -1.39 -20.88 1.41
N LEU F 59 -1.35 -20.29 0.22
CA LEU F 59 -1.40 -21.05 -1.03
C LEU F 59 -0.04 -20.92 -1.69
N VAL F 60 0.69 -22.02 -1.78
CA VAL F 60 1.98 -22.03 -2.46
C VAL F 60 1.81 -22.63 -3.84
N LEU F 61 2.14 -21.84 -4.86
CA LEU F 61 2.04 -22.27 -6.24
C LEU F 61 3.45 -22.51 -6.80
N THR F 62 3.69 -23.74 -7.26
CA THR F 62 5.04 -24.15 -7.63
C THR F 62 5.01 -24.64 -9.04
N ASP F 63 6.17 -24.62 -9.70
CA ASP F 63 6.21 -24.89 -11.12
C ASP F 63 6.03 -26.34 -11.51
N LEU F 64 6.80 -27.23 -10.87
CA LEU F 64 6.98 -28.57 -11.38
C LEU F 64 6.95 -29.59 -10.26
N LEU F 65 6.06 -30.58 -10.41
CA LEU F 65 5.96 -31.71 -9.50
C LEU F 65 7.29 -32.44 -9.41
N GLY F 66 7.78 -32.65 -8.18
CA GLY F 66 9.02 -33.37 -7.97
C GLY F 66 10.24 -32.49 -8.02
N GLY F 67 10.05 -31.21 -8.30
CA GLY F 67 11.15 -30.26 -8.31
C GLY F 67 11.39 -29.70 -6.93
N THR F 68 12.55 -29.08 -6.74
CA THR F 68 12.91 -28.49 -5.45
C THR F 68 11.88 -27.51 -4.85
N PRO F 69 11.34 -26.59 -5.68
CA PRO F 69 10.29 -25.75 -5.10
C PRO F 69 9.11 -26.55 -4.53
N PHE F 70 8.67 -27.57 -5.24
CA PHE F 70 7.53 -28.37 -4.79
C PHE F 70 7.91 -29.22 -3.58
N ASN F 71 9.06 -29.87 -3.64
CA ASN F 71 9.51 -30.74 -2.56
C ASN F 71 9.68 -29.98 -1.25
N VAL F 72 10.40 -28.85 -1.32
CA VAL F 72 10.61 -28.00 -0.15
C VAL F 72 9.30 -27.46 0.40
N SER F 73 8.42 -27.02 -0.48
CA SER F 73 7.17 -26.43 -0.03
C SER F 73 6.28 -27.47 0.62
N SER F 74 6.22 -28.65 0.03
CA SER F 74 5.29 -29.65 0.51
C SER F 74 5.82 -30.22 1.84
N ALA F 75 7.14 -30.29 1.97
CA ALA F 75 7.77 -30.83 3.18
C ALA F 75 7.47 -29.89 4.35
N LEU F 76 7.56 -28.59 4.09
CA LEU F 76 7.30 -27.61 5.12
C LEU F 76 5.81 -27.50 5.46
N SER F 77 4.95 -27.78 4.48
CA SER F 77 3.51 -27.58 4.63
C SER F 77 2.87 -28.39 5.77
N VAL F 78 3.52 -29.48 6.17
CA VAL F 78 2.97 -30.34 7.21
C VAL F 78 3.58 -30.06 8.58
N GLU F 79 4.47 -29.09 8.66
CA GLU F 79 5.28 -28.93 9.87
C GLU F 79 4.71 -27.91 10.87
N TYR F 80 3.61 -27.26 10.50
CA TYR F 80 2.96 -26.30 11.38
C TYR F 80 1.58 -26.77 11.80
N THR F 81 1.35 -26.88 13.10
CA THR F 81 0.07 -27.40 13.61
C THR F 81 -1.12 -26.52 13.23
N ASP F 82 -0.97 -25.21 13.32
CA ASP F 82 -2.09 -24.32 13.10
C ASP F 82 -1.98 -23.47 11.82
N LYS F 83 -1.01 -23.80 10.98
CA LYS F 83 -0.94 -23.17 9.65
C LYS F 83 -1.49 -24.09 8.58
N LYS F 84 -2.40 -23.56 7.77
CA LYS F 84 -2.94 -24.28 6.64
C LYS F 84 -2.15 -23.89 5.40
N ILE F 85 -1.33 -24.81 4.91
CA ILE F 85 -0.49 -24.54 3.75
C ILE F 85 -0.80 -25.52 2.63
N LYS F 86 -1.43 -25.01 1.57
CA LYS F 86 -1.74 -25.82 0.41
C LYS F 86 -0.62 -25.66 -0.61
N VAL F 87 -0.20 -26.77 -1.21
CA VAL F 87 0.91 -26.71 -2.17
C VAL F 87 0.47 -27.30 -3.50
N LEU F 88 0.45 -26.47 -4.55
CA LEU F 88 0.12 -26.95 -5.90
C LEU F 88 1.33 -26.96 -6.81
N SER F 89 1.38 -27.95 -7.71
CA SER F 89 2.30 -27.91 -8.83
C SER F 89 1.54 -27.55 -10.10
N GLY F 90 2.28 -27.30 -11.18
CA GLY F 90 1.69 -27.05 -12.48
C GLY F 90 1.31 -25.61 -12.75
N LEU F 91 1.98 -24.67 -12.07
CA LEU F 91 1.59 -23.27 -12.10
C LEU F 91 1.48 -22.69 -13.50
N ASN F 92 0.29 -22.18 -13.80
CA ASN F 92 0.08 -21.40 -15.01
C ASN F 92 -0.62 -20.09 -14.66
N LEU F 93 -0.83 -19.20 -15.62
CA LEU F 93 -1.36 -17.90 -15.28
C LEU F 93 -2.83 -17.99 -14.84
N SER F 94 -3.55 -18.97 -15.37
CA SER F 94 -4.93 -19.21 -14.95
C SER F 94 -4.99 -19.55 -13.46
N MET F 95 -4.03 -20.35 -13.03
CA MET F 95 -3.93 -20.79 -11.63
C MET F 95 -3.68 -19.58 -10.73
N LEU F 96 -2.72 -18.74 -11.11
CA LEU F 96 -2.41 -17.52 -10.38
C LEU F 96 -3.56 -16.52 -10.41
N MET F 97 -4.12 -16.27 -11.59
CA MET F 97 -5.23 -15.33 -11.70
C MET F 97 -6.42 -15.75 -10.84
N GLU F 98 -6.78 -17.02 -10.90
CA GLU F 98 -7.94 -17.48 -10.15
C GLU F 98 -7.73 -17.33 -8.66
N ALA F 99 -6.51 -17.65 -8.21
CA ALA F 99 -6.20 -17.53 -6.80
C ALA F 99 -6.35 -16.08 -6.37
N VAL F 100 -5.88 -15.16 -7.22
CA VAL F 100 -5.96 -13.74 -6.91
C VAL F 100 -7.41 -13.24 -6.92
N LEU F 101 -8.17 -13.69 -7.91
CA LEU F 101 -9.53 -13.16 -8.09
C LEU F 101 -10.54 -13.73 -7.10
N SER F 102 -10.29 -14.95 -6.62
CA SER F 102 -11.29 -15.66 -5.83
C SER F 102 -10.98 -15.75 -4.34
N ARG F 103 -9.77 -15.38 -3.94
CA ARG F 103 -9.38 -15.53 -2.54
C ARG F 103 -10.16 -14.61 -1.61
N THR F 104 -10.68 -13.51 -2.17
CA THR F 104 -11.51 -12.57 -1.40
C THR F 104 -12.72 -13.27 -0.77
N MET F 105 -13.21 -14.31 -1.44
CA MET F 105 -14.46 -14.95 -1.04
C MET F 105 -14.30 -15.93 0.12
N PHE F 106 -13.06 -16.25 0.46
CA PHE F 106 -12.81 -17.32 1.41
C PHE F 106 -11.93 -16.89 2.58
N GLU F 107 -12.30 -17.35 3.78
CA GLU F 107 -11.44 -17.18 4.94
C GLU F 107 -10.37 -18.26 4.91
N HIS F 108 -10.67 -19.39 4.27
N HIS F 108 -10.67 -19.38 4.25
CA HIS F 108 -9.79 -20.56 4.32
CA HIS F 108 -9.82 -20.57 4.32
C HIS F 108 -9.32 -21.04 2.95
C HIS F 108 -9.32 -21.02 2.95
N VAL F 109 -8.01 -21.26 2.85
CA VAL F 109 -7.38 -21.74 1.61
C VAL F 109 -7.90 -23.12 1.19
N ASP F 110 -8.36 -23.91 2.15
CA ASP F 110 -8.91 -25.24 1.83
C ASP F 110 -10.09 -25.12 0.86
N ASP F 111 -10.84 -24.03 0.99
CA ASP F 111 -12.07 -23.86 0.23
C ASP F 111 -11.81 -23.11 -1.08
N LEU F 112 -10.59 -22.63 -1.24
CA LEU F 112 -10.22 -21.89 -2.46
C LEU F 112 -9.60 -22.80 -3.53
N VAL F 113 -8.90 -23.83 -3.08
CA VAL F 113 -8.11 -24.67 -3.99
C VAL F 113 -8.90 -25.30 -5.15
N ASP F 114 -10.11 -25.78 -4.85
CA ASP F 114 -10.92 -26.46 -5.87
C ASP F 114 -11.19 -25.58 -7.08
N LYS F 115 -11.51 -24.32 -6.81
CA LYS F 115 -11.76 -23.32 -7.85
C LYS F 115 -10.47 -22.98 -8.60
N VAL F 116 -9.37 -22.95 -7.86
CA VAL F 116 -8.07 -22.68 -8.44
C VAL F 116 -7.63 -23.82 -9.36
N ILE F 117 -7.81 -25.04 -8.90
CA ILE F 117 -7.43 -26.22 -9.67
C ILE F 117 -8.27 -26.31 -10.93
N THR F 118 -9.57 -26.06 -10.79
CA THR F 118 -10.49 -26.06 -11.92
C THR F 118 -10.06 -25.10 -13.00
N SER F 119 -9.77 -23.86 -12.61
CA SER F 119 -9.39 -22.84 -13.57
C SER F 119 -8.05 -23.18 -14.22
N SER F 120 -7.16 -23.82 -13.46
CA SER F 120 -5.87 -24.22 -14.00
C SER F 120 -5.99 -25.18 -15.17
N HIS F 121 -6.92 -26.14 -15.06
CA HIS F 121 -7.14 -27.10 -16.13
C HIS F 121 -7.94 -26.46 -17.27
N GLU F 122 -8.94 -25.66 -16.90
CA GLU F 122 -9.78 -24.95 -17.88
C GLU F 122 -8.95 -24.07 -18.82
N GLY F 123 -7.84 -23.56 -18.29
CA GLY F 123 -7.00 -22.64 -19.03
C GLY F 123 -6.11 -23.29 -20.07
N ILE F 124 -6.04 -24.61 -20.05
CA ILE F 124 -5.22 -25.35 -21.01
C ILE F 124 -6.08 -25.76 -22.18
N VAL F 125 -5.90 -25.06 -23.29
CA VAL F 125 -6.78 -25.21 -24.44
C VAL F 125 -5.92 -25.25 -25.70
N ASP F 126 -6.25 -26.20 -26.59
CA ASP F 126 -5.70 -26.21 -27.94
C ASP F 126 -6.67 -25.40 -28.80
N PHE F 127 -6.19 -24.32 -29.41
CA PHE F 127 -7.04 -23.43 -30.20
C PHE F 127 -7.87 -24.18 -31.24
N SER F 128 -7.34 -25.29 -31.74
CA SER F 128 -8.05 -26.12 -32.72
C SER F 128 -9.47 -26.53 -32.27
N THR F 129 -9.68 -26.54 -30.95
CA THR F 129 -10.96 -26.92 -30.38
C THR F 129 -11.97 -25.76 -30.41
N CYS F 130 -11.47 -24.53 -30.31
CA CYS F 130 -12.33 -23.35 -30.34
C CYS F 130 -13.06 -23.26 -31.68
#